data_1D63
# 
_entry.id   1D63 
# 
_audit_conform.dict_name       mmcif_pdbx.dic 
_audit_conform.dict_version    5.385 
_audit_conform.dict_location   http://mmcif.pdb.org/dictionaries/ascii/mmcif_pdbx.dic 
# 
loop_
_database_2.database_id 
_database_2.database_code 
_database_2.pdbx_database_accession 
_database_2.pdbx_DOI 
PDB   1D63         pdb_00001d63 10.2210/pdb1d63/pdb 
RCSB  GDL016       ?            ?                   
WWPDB D_1000172664 ?            ?                   
# 
loop_
_pdbx_audit_revision_history.ordinal 
_pdbx_audit_revision_history.data_content_type 
_pdbx_audit_revision_history.major_revision 
_pdbx_audit_revision_history.minor_revision 
_pdbx_audit_revision_history.revision_date 
1 'Structure model' 1 0 1993-01-15 
2 'Structure model' 1 1 2008-05-22 
3 'Structure model' 1 2 2011-07-13 
4 'Structure model' 1 3 2024-02-07 
# 
_pdbx_audit_revision_details.ordinal             1 
_pdbx_audit_revision_details.revision_ordinal    1 
_pdbx_audit_revision_details.data_content_type   'Structure model' 
_pdbx_audit_revision_details.provider            repository 
_pdbx_audit_revision_details.type                'Initial release' 
_pdbx_audit_revision_details.description         ? 
_pdbx_audit_revision_details.details             ? 
# 
loop_
_pdbx_audit_revision_group.ordinal 
_pdbx_audit_revision_group.revision_ordinal 
_pdbx_audit_revision_group.data_content_type 
_pdbx_audit_revision_group.group 
1 2 'Structure model' 'Version format compliance' 
2 3 'Structure model' 'Version format compliance' 
3 4 'Structure model' 'Data collection'           
4 4 'Structure model' 'Database references'       
5 4 'Structure model' 'Derived calculations'      
# 
loop_
_pdbx_audit_revision_category.ordinal 
_pdbx_audit_revision_category.revision_ordinal 
_pdbx_audit_revision_category.data_content_type 
_pdbx_audit_revision_category.category 
1 4 'Structure model' chem_comp_atom         
2 4 'Structure model' chem_comp_bond         
3 4 'Structure model' database_2             
4 4 'Structure model' pdbx_struct_conn_angle 
5 4 'Structure model' struct_conn            
6 4 'Structure model' struct_site            
# 
loop_
_pdbx_audit_revision_item.ordinal 
_pdbx_audit_revision_item.revision_ordinal 
_pdbx_audit_revision_item.data_content_type 
_pdbx_audit_revision_item.item 
1  4 'Structure model' '_database_2.pdbx_DOI'                        
2  4 'Structure model' '_database_2.pdbx_database_accession'         
3  4 'Structure model' '_pdbx_struct_conn_angle.ptnr1_auth_asym_id'  
4  4 'Structure model' '_pdbx_struct_conn_angle.ptnr1_auth_seq_id'   
5  4 'Structure model' '_pdbx_struct_conn_angle.ptnr1_label_asym_id' 
6  4 'Structure model' '_pdbx_struct_conn_angle.ptnr1_symmetry'      
7  4 'Structure model' '_pdbx_struct_conn_angle.ptnr3_auth_asym_id'  
8  4 'Structure model' '_pdbx_struct_conn_angle.ptnr3_auth_seq_id'   
9  4 'Structure model' '_pdbx_struct_conn_angle.ptnr3_label_asym_id' 
10 4 'Structure model' '_pdbx_struct_conn_angle.ptnr3_symmetry'      
11 4 'Structure model' '_pdbx_struct_conn_angle.value'               
12 4 'Structure model' '_struct_conn.pdbx_dist_value'                
13 4 'Structure model' '_struct_conn.ptnr2_auth_asym_id'             
14 4 'Structure model' '_struct_conn.ptnr2_auth_seq_id'              
15 4 'Structure model' '_struct_conn.ptnr2_label_asym_id'            
16 4 'Structure model' '_struct_conn.ptnr2_symmetry'                 
17 4 'Structure model' '_struct_site.pdbx_auth_asym_id'              
18 4 'Structure model' '_struct_site.pdbx_auth_comp_id'              
19 4 'Structure model' '_struct_site.pdbx_auth_seq_id'               
# 
_pdbx_database_status.status_code                     REL 
_pdbx_database_status.entry_id                        1D63 
_pdbx_database_status.recvd_initial_deposition_date   1992-03-02 
_pdbx_database_status.deposit_site                    BNL 
_pdbx_database_status.process_site                    NDB 
_pdbx_database_status.status_code_sf                  REL 
_pdbx_database_status.status_code_mr                  ? 
_pdbx_database_status.SG_entry                        ? 
_pdbx_database_status.pdb_format_compatible           Y 
_pdbx_database_status.status_code_cs                  ? 
_pdbx_database_status.status_code_nmr_data            ? 
_pdbx_database_status.methods_development_category    ? 
# 
loop_
_audit_author.name 
_audit_author.pdbx_ordinal 
'Brown, D.G.'     1 
'Sanderson, M.R.' 2 
'Garman, E.'      3 
'Neidle, S.'      4 
# 
loop_
_citation.id 
_citation.title 
_citation.journal_abbrev 
_citation.journal_volume 
_citation.page_first 
_citation.page_last 
_citation.year 
_citation.journal_id_ASTM 
_citation.country 
_citation.journal_id_ISSN 
_citation.journal_id_CSD 
_citation.book_publisher 
_citation.pdbx_database_id_PubMed 
_citation.pdbx_database_id_DOI 
primary 
;Crystal structure of a berenil-d(CGCAAATTTGCG) complex. An example of drug-DNA recognition based on sequence-dependent structural features.
;
J.Mol.Biol. 226 481  490  1992 JMOBAK UK 0022-2836 0070 ? 1640462 '10.1016/0022-2836(92)90962-J' 
1       'Crystal Structure of a Berenil-Dodecanucleotide Complex: The Role of Water in Sequence-Specific Ligand Binding' 'Embo J.' 
9   1329 1334 1990 EMJODG UK 0261-4189 0897 ? ?       ?                              
# 
loop_
_citation_author.citation_id 
_citation_author.name 
_citation_author.ordinal 
_citation_author.identifier_ORCID 
primary 'Brown, D.G.'     1  ? 
primary 'Sanderson, M.R.' 2  ? 
primary 'Garman, E.'      3  ? 
primary 'Neidle, S.'      4  ? 
1       'Brown, D.G.'     5  ? 
1       'Sanderson, M.R.' 6  ? 
1       'Skelly, J.V.'    7  ? 
1       'Jenkins, T.C.'   8  ? 
1       'Brown, T.'       9  ? 
1       'Garman, E.'      10 ? 
1       'Stuart, D.I.'    11 ? 
1       'Neidle, S.'      12 ? 
# 
loop_
_entity.id 
_entity.type 
_entity.src_method 
_entity.pdbx_description 
_entity.formula_weight 
_entity.pdbx_number_of_molecules 
_entity.pdbx_ec 
_entity.pdbx_mutation 
_entity.pdbx_fragment 
_entity.details 
1 polymer     syn 
;DNA (5'-D(*CP*GP*CP*AP*AP*AP*TP*TP*TP*GP*CP*G)-3')
;
3662.404 2  ? ? ? ? 
2 non-polymer syn 'MAGNESIUM ION'                                      24.305   1  ? ? ? ? 
3 non-polymer syn BERENIL                                              281.316  1  ? ? ? ? 
4 water       nat water                                                18.015   65 ? ? ? ? 
# 
_entity_poly.entity_id                      1 
_entity_poly.type                           polydeoxyribonucleotide 
_entity_poly.nstd_linkage                   no 
_entity_poly.nstd_monomer                   no 
_entity_poly.pdbx_seq_one_letter_code       '(DC)(DG)(DC)(DA)(DA)(DA)(DT)(DT)(DT)(DG)(DC)(DG)' 
_entity_poly.pdbx_seq_one_letter_code_can   CGCAAATTTGCG 
_entity_poly.pdbx_strand_id                 A,B 
_entity_poly.pdbx_target_identifier         ? 
# 
loop_
_pdbx_entity_nonpoly.entity_id 
_pdbx_entity_nonpoly.name 
_pdbx_entity_nonpoly.comp_id 
2 'MAGNESIUM ION' MG  
3 BERENIL         BRN 
4 water           HOH 
# 
loop_
_entity_poly_seq.entity_id 
_entity_poly_seq.num 
_entity_poly_seq.mon_id 
_entity_poly_seq.hetero 
1 1  DC n 
1 2  DG n 
1 3  DC n 
1 4  DA n 
1 5  DA n 
1 6  DA n 
1 7  DT n 
1 8  DT n 
1 9  DT n 
1 10 DG n 
1 11 DC n 
1 12 DG n 
# 
loop_
_chem_comp.id 
_chem_comp.type 
_chem_comp.mon_nstd_flag 
_chem_comp.name 
_chem_comp.pdbx_synonyms 
_chem_comp.formula 
_chem_comp.formula_weight 
BRN non-polymer   . BERENIL                              
;DIMINAZINE ACETURATE; 1,3-TRIS-(4'AMIDINOPHENYL)TRIAZINE
;
'C14 H15 N7'      281.316 
DA  'DNA linking' y "2'-DEOXYADENOSINE-5'-MONOPHOSPHATE" ?                                                          
'C10 H14 N5 O6 P' 331.222 
DC  'DNA linking' y "2'-DEOXYCYTIDINE-5'-MONOPHOSPHATE"  ?                                                          
'C9 H14 N3 O7 P'  307.197 
DG  'DNA linking' y "2'-DEOXYGUANOSINE-5'-MONOPHOSPHATE" ?                                                          
'C10 H14 N5 O7 P' 347.221 
DT  'DNA linking' y "THYMIDINE-5'-MONOPHOSPHATE"         ?                                                          
'C10 H15 N2 O8 P' 322.208 
HOH non-polymer   . WATER                                ?                                                          'H2 O' 18.015  
MG  non-polymer   . 'MAGNESIUM ION'                      ?                                                          'Mg 2' 24.305  
# 
loop_
_pdbx_poly_seq_scheme.asym_id 
_pdbx_poly_seq_scheme.entity_id 
_pdbx_poly_seq_scheme.seq_id 
_pdbx_poly_seq_scheme.mon_id 
_pdbx_poly_seq_scheme.ndb_seq_num 
_pdbx_poly_seq_scheme.pdb_seq_num 
_pdbx_poly_seq_scheme.auth_seq_num 
_pdbx_poly_seq_scheme.pdb_mon_id 
_pdbx_poly_seq_scheme.auth_mon_id 
_pdbx_poly_seq_scheme.pdb_strand_id 
_pdbx_poly_seq_scheme.pdb_ins_code 
_pdbx_poly_seq_scheme.hetero 
A 1 1  DC 1  1  1  DC C A . n 
A 1 2  DG 2  2  2  DG G A . n 
A 1 3  DC 3  3  3  DC C A . n 
A 1 4  DA 4  4  4  DA A A . n 
A 1 5  DA 5  5  5  DA A A . n 
A 1 6  DA 6  6  6  DA A A . n 
A 1 7  DT 7  7  7  DT T A . n 
A 1 8  DT 8  8  8  DT T A . n 
A 1 9  DT 9  9  9  DT T A . n 
A 1 10 DG 10 10 10 DG G A . n 
A 1 11 DC 11 11 11 DC C A . n 
A 1 12 DG 12 12 12 DG G A . n 
B 1 1  DC 1  13 13 DC C B . n 
B 1 2  DG 2  14 14 DG G B . n 
B 1 3  DC 3  15 15 DC C B . n 
B 1 4  DA 4  16 16 DA A B . n 
B 1 5  DA 5  17 17 DA A B . n 
B 1 6  DA 6  18 18 DA A B . n 
B 1 7  DT 7  19 19 DT T B . n 
B 1 8  DT 8  20 20 DT T B . n 
B 1 9  DT 9  21 21 DT T B . n 
B 1 10 DG 10 22 22 DG G B . n 
B 1 11 DC 11 23 23 DC C B . n 
B 1 12 DG 12 24 24 DG G B . n 
# 
loop_
_pdbx_nonpoly_scheme.asym_id 
_pdbx_nonpoly_scheme.entity_id 
_pdbx_nonpoly_scheme.mon_id 
_pdbx_nonpoly_scheme.ndb_seq_num 
_pdbx_nonpoly_scheme.pdb_seq_num 
_pdbx_nonpoly_scheme.auth_seq_num 
_pdbx_nonpoly_scheme.pdb_mon_id 
_pdbx_nonpoly_scheme.auth_mon_id 
_pdbx_nonpoly_scheme.pdb_strand_id 
_pdbx_nonpoly_scheme.pdb_ins_code 
C 2 MG  1  26 26 MG  MG  A . 
D 3 BRN 1  25 25 BRN BRN B . 
E 4 HOH 1  28 28 HOH HOH A . 
E 4 HOH 2  29 29 HOH HOH A . 
E 4 HOH 3  31 31 HOH HOH A . 
E 4 HOH 4  35 35 HOH HOH A . 
E 4 HOH 5  36 36 HOH HOH A . 
E 4 HOH 6  37 37 HOH HOH A . 
E 4 HOH 7  41 41 HOH HOH A . 
E 4 HOH 8  42 42 HOH HOH A . 
E 4 HOH 9  45 45 HOH HOH A . 
E 4 HOH 10 47 47 HOH HOH A . 
E 4 HOH 11 49 49 HOH HOH A . 
E 4 HOH 12 53 53 HOH HOH A . 
E 4 HOH 13 54 54 HOH HOH A . 
E 4 HOH 14 55 55 HOH HOH A . 
E 4 HOH 15 57 57 HOH HOH A . 
E 4 HOH 16 58 58 HOH HOH A . 
E 4 HOH 17 59 59 HOH HOH A . 
E 4 HOH 18 63 63 HOH HOH A . 
E 4 HOH 19 64 64 HOH HOH A . 
E 4 HOH 20 65 65 HOH HOH A . 
E 4 HOH 21 66 66 HOH HOH A . 
E 4 HOH 22 68 68 HOH HOH A . 
E 4 HOH 23 71 71 HOH HOH A . 
E 4 HOH 24 72 72 HOH HOH A . 
E 4 HOH 25 75 75 HOH HOH A . 
E 4 HOH 26 77 77 HOH HOH A . 
E 4 HOH 27 79 79 HOH HOH A . 
E 4 HOH 28 80 80 HOH HOH A . 
E 4 HOH 29 84 84 HOH HOH A . 
E 4 HOH 30 86 86 HOH HOH A . 
E 4 HOH 31 87 87 HOH HOH A . 
E 4 HOH 32 88 88 HOH HOH A . 
E 4 HOH 33 89 89 HOH HOH A . 
E 4 HOH 34 91 91 HOH HOH A . 
F 4 HOH 1  27 27 HOH HOH B . 
F 4 HOH 2  30 30 HOH HOH B . 
F 4 HOH 3  32 32 HOH HOH B . 
F 4 HOH 4  33 33 HOH HOH B . 
F 4 HOH 5  34 34 HOH HOH B . 
F 4 HOH 6  38 38 HOH HOH B . 
F 4 HOH 7  39 39 HOH HOH B . 
F 4 HOH 8  40 40 HOH HOH B . 
F 4 HOH 9  43 43 HOH HOH B . 
F 4 HOH 10 44 44 HOH HOH B . 
F 4 HOH 11 46 46 HOH HOH B . 
F 4 HOH 12 48 48 HOH HOH B . 
F 4 HOH 13 50 50 HOH HOH B . 
F 4 HOH 14 51 51 HOH HOH B . 
F 4 HOH 15 52 52 HOH HOH B . 
F 4 HOH 16 56 56 HOH HOH B . 
F 4 HOH 17 60 60 HOH HOH B . 
F 4 HOH 18 61 61 HOH HOH B . 
F 4 HOH 19 62 62 HOH HOH B . 
F 4 HOH 20 67 67 HOH HOH B . 
F 4 HOH 21 69 69 HOH HOH B . 
F 4 HOH 22 70 70 HOH HOH B . 
F 4 HOH 23 73 73 HOH HOH B . 
F 4 HOH 24 74 74 HOH HOH B . 
F 4 HOH 25 76 76 HOH HOH B . 
F 4 HOH 26 78 78 HOH HOH B . 
F 4 HOH 27 81 81 HOH HOH B . 
F 4 HOH 28 82 82 HOH HOH B . 
F 4 HOH 29 83 83 HOH HOH B . 
F 4 HOH 30 85 85 HOH HOH B . 
F 4 HOH 31 90 90 HOH HOH B . 
# 
_software.name             NUCLSQ 
_software.classification   refinement 
_software.version          . 
_software.citation_id      ? 
_software.pdbx_ordinal     1 
# 
_cell.entry_id           1D63 
_cell.length_a           24.640 
_cell.length_b           40.610 
_cell.length_c           65.070 
_cell.angle_alpha        90.00 
_cell.angle_beta         90.00 
_cell.angle_gamma        90.00 
_cell.Z_PDB              8 
_cell.pdbx_unique_axis   ? 
# 
_symmetry.entry_id                         1D63 
_symmetry.space_group_name_H-M             'P 21 21 21' 
_symmetry.pdbx_full_space_group_name_H-M   ? 
_symmetry.cell_setting                     ? 
_symmetry.Int_Tables_number                19 
# 
_exptl.entry_id          1D63 
_exptl.method            'X-RAY DIFFRACTION' 
_exptl.crystals_number   ? 
# 
_exptl_crystal.id                    1 
_exptl_crystal.density_meas          ? 
_exptl_crystal.density_Matthews      2.22 
_exptl_crystal.density_percent_sol   44.65 
_exptl_crystal.description           ? 
# 
_exptl_crystal_grow.crystal_id      1 
_exptl_crystal_grow.method          'VAPOR DIFFUSION, HANGING DROP' 
_exptl_crystal_grow.temp            ? 
_exptl_crystal_grow.temp_details    'ROOM TEMPERATURE' 
_exptl_crystal_grow.pH              7.00 
_exptl_crystal_grow.pdbx_details    'pH 7.00, VAPOR DIFFUSION, HANGING DROP' 
_exptl_crystal_grow.pdbx_pH_range   ? 
# 
loop_
_exptl_crystal_grow_comp.crystal_id 
_exptl_crystal_grow_comp.id 
_exptl_crystal_grow_comp.sol_id 
_exptl_crystal_grow_comp.name 
_exptl_crystal_grow_comp.volume 
_exptl_crystal_grow_comp.conc 
_exptl_crystal_grow_comp.details 
1 1 1 WATER           ? ? ? 
1 2 1 MPD             ? ? ? 
1 3 1 MGCL2           ? ? ? 
1 4 1 'NA CACODYLATE' ? ? ? 
1 5 1 AZIDE           ? ? ? 
1 6 2 WATER           ? ? ? 
1 7 2 MPD             ? ? ? 
# 
_diffrn.id                     1 
_diffrn.ambient_temp           291.00 
_diffrn.ambient_temp_details   ? 
_diffrn.crystal_id             1 
# 
_diffrn_detector.diffrn_id              1 
_diffrn_detector.detector               'AREA DETECTOR' 
_diffrn_detector.type                   XENTRONICS 
_diffrn_detector.pdbx_collection_date   ? 
_diffrn_detector.details                ? 
# 
_diffrn_radiation.diffrn_id                        1 
_diffrn_radiation.wavelength_id                    1 
_diffrn_radiation.pdbx_monochromatic_or_laue_m_l   ? 
_diffrn_radiation.monochromator                    ? 
_diffrn_radiation.pdbx_diffrn_protocol             ? 
_diffrn_radiation.pdbx_scattering_type             x-ray 
# 
_diffrn_radiation_wavelength.id           1 
_diffrn_radiation_wavelength.wavelength   . 
_diffrn_radiation_wavelength.wt           1.0 
# 
_diffrn_source.diffrn_id                   1 
_diffrn_source.source                      'ROTATING ANODE' 
_diffrn_source.type                        'RIGAKU RU200' 
_diffrn_source.pdbx_synchrotron_site       ? 
_diffrn_source.pdbx_synchrotron_beamline   ? 
_diffrn_source.pdbx_wavelength             ? 
_diffrn_source.pdbx_wavelength_list        ? 
# 
_reflns.entry_id                     1D63 
_reflns.observed_criterion_sigma_I   ? 
_reflns.observed_criterion_sigma_F   ? 
_reflns.d_resolution_low             ? 
_reflns.d_resolution_high            2.000 
_reflns.number_obs                   4067 
_reflns.number_all                   12415 
_reflns.percent_possible_obs         ? 
_reflns.pdbx_Rmerge_I_obs            0.0620000 
_reflns.pdbx_Rsym_value              ? 
_reflns.pdbx_netI_over_sigmaI        ? 
_reflns.B_iso_Wilson_estimate        ? 
_reflns.pdbx_redundancy              ? 
_reflns.pdbx_diffrn_id               1 
_reflns.pdbx_ordinal                 1 
# 
_refine.entry_id                                 1D63 
_refine.ls_number_reflns_obs                     3106 
_refine.ls_number_reflns_all                     ? 
_refine.pdbx_ls_sigma_I                          ? 
_refine.pdbx_ls_sigma_F                          2.000 
_refine.pdbx_data_cutoff_high_absF               ? 
_refine.pdbx_data_cutoff_low_absF                ? 
_refine.pdbx_data_cutoff_high_rms_absF           ? 
_refine.ls_d_res_low                             7.000 
_refine.ls_d_res_high                            2.000 
_refine.ls_percent_reflns_obs                    ? 
_refine.ls_R_factor_obs                          0.1830000 
_refine.ls_R_factor_all                          ? 
_refine.ls_R_factor_R_work                       ? 
_refine.ls_R_factor_R_free                       ? 
_refine.ls_R_factor_R_free_error                 ? 
_refine.ls_R_factor_R_free_error_details         ? 
_refine.ls_percent_reflns_R_free                 ? 
_refine.ls_number_reflns_R_free                  ? 
_refine.ls_number_parameters                     ? 
_refine.ls_number_restraints                     ? 
_refine.occupancy_min                            ? 
_refine.occupancy_max                            ? 
_refine.B_iso_mean                               ? 
_refine.aniso_B[1][1]                            ? 
_refine.aniso_B[2][2]                            ? 
_refine.aniso_B[3][3]                            ? 
_refine.aniso_B[1][2]                            ? 
_refine.aniso_B[1][3]                            ? 
_refine.aniso_B[2][3]                            ? 
_refine.solvent_model_details                    ? 
_refine.solvent_model_param_ksol                 ? 
_refine.solvent_model_param_bsol                 ? 
_refine.pdbx_ls_cross_valid_method               ? 
_refine.details                                  ? 
_refine.pdbx_starting_model                      ? 
_refine.pdbx_method_to_determine_struct          ? 
_refine.pdbx_isotropic_thermal_model             ? 
_refine.pdbx_stereochemistry_target_values       ? 
_refine.pdbx_stereochem_target_val_spec_case     ? 
_refine.pdbx_R_Free_selection_details            ? 
_refine.pdbx_overall_ESU_R                       ? 
_refine.pdbx_overall_ESU_R_Free                  ? 
_refine.overall_SU_ML                            ? 
_refine.overall_SU_B                             ? 
_refine.pdbx_refine_id                           'X-RAY DIFFRACTION' 
_refine.pdbx_diffrn_id                           1 
_refine.pdbx_TLS_residual_ADP_flag               ? 
_refine.correlation_coeff_Fo_to_Fc               ? 
_refine.correlation_coeff_Fo_to_Fc_free          ? 
_refine.pdbx_solvent_vdw_probe_radii             ? 
_refine.pdbx_solvent_ion_probe_radii             ? 
_refine.pdbx_solvent_shrinkage_radii             ? 
_refine.pdbx_overall_phase_error                 ? 
_refine.overall_SU_R_Cruickshank_DPI             ? 
_refine.pdbx_overall_SU_R_free_Cruickshank_DPI   ? 
_refine.pdbx_overall_SU_R_Blow_DPI               ? 
_refine.pdbx_overall_SU_R_free_Blow_DPI          ? 
# 
_refine_hist.pdbx_refine_id                   'X-RAY DIFFRACTION' 
_refine_hist.cycle_id                         LAST 
_refine_hist.pdbx_number_atoms_protein        0 
_refine_hist.pdbx_number_atoms_nucleic_acid   486 
_refine_hist.pdbx_number_atoms_ligand         22 
_refine_hist.number_atoms_solvent             65 
_refine_hist.number_atoms_total               573 
_refine_hist.d_res_high                       2.000 
_refine_hist.d_res_low                        7.000 
# 
loop_
_refine_ls_restr.type 
_refine_ls_restr.dev_ideal 
_refine_ls_restr.dev_ideal_target 
_refine_ls_restr.weight 
_refine_ls_restr.number 
_refine_ls_restr.pdbx_refine_id 
_refine_ls_restr.pdbx_restraint_function 
n_bond_d               ?     ? ? ? 'X-RAY DIFFRACTION' ? 
n_angle_d              ?     ? ? ? 'X-RAY DIFFRACTION' ? 
n_planar_d             ?     ? ? ? 'X-RAY DIFFRACTION' ? 
n_hb_or_metal_coord    ?     ? ? ? 'X-RAY DIFFRACTION' ? 
n_sugar_bond_it        ?     ? ? ? 'X-RAY DIFFRACTION' ? 
n_sugar_angle_it       ?     ? ? ? 'X-RAY DIFFRACTION' ? 
n_phos_bond_it         ?     ? ? ? 'X-RAY DIFFRACTION' ? 
n_phos_angle_it        ?     ? ? ? 'X-RAY DIFFRACTION' ? 
n_bond_angle_restr     ?     ? ? ? 'X-RAY DIFFRACTION' ? 
n_dihedral_angle_restr ?     ? ? ? 'X-RAY DIFFRACTION' ? 
n_impr_tor             ?     ? ? ? 'X-RAY DIFFRACTION' ? 
n_sugar_bond_d         0.011 ? ? ? 'X-RAY DIFFRACTION' ? 
n_sugar_bond_angle_d   0.026 ? ? ? 'X-RAY DIFFRACTION' ? 
n_phos_bond_d          0.032 ? ? ? 'X-RAY DIFFRACTION' ? 
n_phos_bond_angle_d    0.032 ? ? ? 'X-RAY DIFFRACTION' ? 
n_plane_restr          ?     ? ? ? 'X-RAY DIFFRACTION' ? 
n_chiral_restr         ?     ? ? ? 'X-RAY DIFFRACTION' ? 
n_singtor_nbd          ?     ? ? ? 'X-RAY DIFFRACTION' ? 
n_multtor_nbd          ?     ? ? ? 'X-RAY DIFFRACTION' ? 
n_xhyhbond_nbd         ?     ? ? ? 'X-RAY DIFFRACTION' ? 
# 
_struct.entry_id                  1D63 
_struct.title                     
;CRYSTAL STRUCTURE OF A BERENIL-D(CGCAAATTTGCG) COMPLEX; AN EXAMPLE OF DRUG-DNA RECOGNITION BASED ON SEQUENCE-DEPENDENT STRUCTURAL FEATURES
;
_struct.pdbx_model_details        ? 
_struct.pdbx_CASP_flag            ? 
_struct.pdbx_model_type_details   ? 
# 
_struct_keywords.entry_id        1D63 
_struct_keywords.pdbx_keywords   DNA 
_struct_keywords.text            'B-DNA, DOUBLE HELIX, COMPLEXED WITH DRUG, DNA' 
# 
loop_
_struct_asym.id 
_struct_asym.pdbx_blank_PDB_chainid_flag 
_struct_asym.pdbx_modified 
_struct_asym.entity_id 
_struct_asym.details 
A N N 1 ? 
B N N 1 ? 
C N N 2 ? 
D N N 3 ? 
E N N 4 ? 
F N N 4 ? 
# 
_struct_ref.id                         1 
_struct_ref.entity_id                  1 
_struct_ref.db_name                    PDB 
_struct_ref.db_code                    1D63 
_struct_ref.pdbx_db_accession          1D63 
_struct_ref.pdbx_db_isoform            ? 
_struct_ref.pdbx_seq_one_letter_code   ? 
_struct_ref.pdbx_align_begin           ? 
# 
loop_
_struct_ref_seq.align_id 
_struct_ref_seq.ref_id 
_struct_ref_seq.pdbx_PDB_id_code 
_struct_ref_seq.pdbx_strand_id 
_struct_ref_seq.seq_align_beg 
_struct_ref_seq.pdbx_seq_align_beg_ins_code 
_struct_ref_seq.seq_align_end 
_struct_ref_seq.pdbx_seq_align_end_ins_code 
_struct_ref_seq.pdbx_db_accession 
_struct_ref_seq.db_align_beg 
_struct_ref_seq.pdbx_db_align_beg_ins_code 
_struct_ref_seq.db_align_end 
_struct_ref_seq.pdbx_db_align_end_ins_code 
_struct_ref_seq.pdbx_auth_seq_align_beg 
_struct_ref_seq.pdbx_auth_seq_align_end 
1 1 1D63 A 1 ? 12 ? 1D63 1  ? 12 ? 1  12 
2 1 1D63 B 1 ? 12 ? 1D63 13 ? 24 ? 13 24 
# 
_pdbx_struct_assembly.id                   1 
_pdbx_struct_assembly.details              author_defined_assembly 
_pdbx_struct_assembly.method_details       ? 
_pdbx_struct_assembly.oligomeric_details   dimeric 
_pdbx_struct_assembly.oligomeric_count     2 
# 
_pdbx_struct_assembly_gen.assembly_id       1 
_pdbx_struct_assembly_gen.oper_expression   1 
_pdbx_struct_assembly_gen.asym_id_list      A,B,C,D,E,F 
# 
_pdbx_struct_oper_list.id                   1 
_pdbx_struct_oper_list.type                 'identity operation' 
_pdbx_struct_oper_list.name                 1_555 
_pdbx_struct_oper_list.symmetry_operation   x,y,z 
_pdbx_struct_oper_list.matrix[1][1]         1.0000000000 
_pdbx_struct_oper_list.matrix[1][2]         0.0000000000 
_pdbx_struct_oper_list.matrix[1][3]         0.0000000000 
_pdbx_struct_oper_list.vector[1]            0.0000000000 
_pdbx_struct_oper_list.matrix[2][1]         0.0000000000 
_pdbx_struct_oper_list.matrix[2][2]         1.0000000000 
_pdbx_struct_oper_list.matrix[2][3]         0.0000000000 
_pdbx_struct_oper_list.vector[2]            0.0000000000 
_pdbx_struct_oper_list.matrix[3][1]         0.0000000000 
_pdbx_struct_oper_list.matrix[3][2]         0.0000000000 
_pdbx_struct_oper_list.matrix[3][3]         1.0000000000 
_pdbx_struct_oper_list.vector[3]            0.0000000000 
# 
_struct_biol.id   1 
# 
loop_
_struct_conn.id 
_struct_conn.conn_type_id 
_struct_conn.pdbx_leaving_atom_flag 
_struct_conn.pdbx_PDB_id 
_struct_conn.ptnr1_label_asym_id 
_struct_conn.ptnr1_label_comp_id 
_struct_conn.ptnr1_label_seq_id 
_struct_conn.ptnr1_label_atom_id 
_struct_conn.pdbx_ptnr1_label_alt_id 
_struct_conn.pdbx_ptnr1_PDB_ins_code 
_struct_conn.pdbx_ptnr1_standard_comp_id 
_struct_conn.ptnr1_symmetry 
_struct_conn.ptnr2_label_asym_id 
_struct_conn.ptnr2_label_comp_id 
_struct_conn.ptnr2_label_seq_id 
_struct_conn.ptnr2_label_atom_id 
_struct_conn.pdbx_ptnr2_label_alt_id 
_struct_conn.pdbx_ptnr2_PDB_ins_code 
_struct_conn.ptnr1_auth_asym_id 
_struct_conn.ptnr1_auth_comp_id 
_struct_conn.ptnr1_auth_seq_id 
_struct_conn.ptnr2_auth_asym_id 
_struct_conn.ptnr2_auth_comp_id 
_struct_conn.ptnr2_auth_seq_id 
_struct_conn.ptnr2_symmetry 
_struct_conn.pdbx_ptnr3_label_atom_id 
_struct_conn.pdbx_ptnr3_label_seq_id 
_struct_conn.pdbx_ptnr3_label_comp_id 
_struct_conn.pdbx_ptnr3_label_asym_id 
_struct_conn.pdbx_ptnr3_label_alt_id 
_struct_conn.pdbx_ptnr3_PDB_ins_code 
_struct_conn.details 
_struct_conn.pdbx_dist_value 
_struct_conn.pdbx_value_order 
_struct_conn.pdbx_role 
metalc1  metalc ? ? C MG .  MG ? ? ? 1_555 E HOH .  O  ? ? A MG 26 A HOH 41 3_657 ? ? ? ? ? ? ?            1.984 ? ? 
metalc2  metalc ? ? C MG .  MG ? ? ? 1_555 E HOH .  O  ? ? A MG 26 A HOH 54 1_555 ? ? ? ? ? ? ?            1.906 ? ? 
metalc3  metalc ? ? C MG .  MG ? ? ? 1_555 E HOH .  O  ? ? A MG 26 A HOH 55 1_555 ? ? ? ? ? ? ?            1.985 ? ? 
metalc4  metalc ? ? C MG .  MG ? ? ? 1_555 E HOH .  O  ? ? A MG 26 A HOH 66 3_657 ? ? ? ? ? ? ?            2.290 ? ? 
metalc5  metalc ? ? C MG .  MG ? ? ? 1_555 F HOH .  O  ? ? A MG 26 B HOH 83 1_555 ? ? ? ? ? ? ?            2.330 ? ? 
hydrog1  hydrog ? ? A DC 1  N3 ? ? ? 1_555 B DG  12 N1 ? ? A DC 1  B DG  24 1_555 ? ? ? ? ? ? WATSON-CRICK ?     ? ? 
hydrog2  hydrog ? ? A DC 1  N4 ? ? ? 1_555 B DG  12 O6 ? ? A DC 1  B DG  24 1_555 ? ? ? ? ? ? WATSON-CRICK ?     ? ? 
hydrog3  hydrog ? ? A DC 1  O2 ? ? ? 1_555 B DG  12 N2 ? ? A DC 1  B DG  24 1_555 ? ? ? ? ? ? WATSON-CRICK ?     ? ? 
hydrog4  hydrog ? ? A DG 2  N1 ? ? ? 1_555 B DC  11 N3 ? ? A DG 2  B DC  23 1_555 ? ? ? ? ? ? WATSON-CRICK ?     ? ? 
hydrog5  hydrog ? ? A DG 2  N2 ? ? ? 1_555 B DC  11 O2 ? ? A DG 2  B DC  23 1_555 ? ? ? ? ? ? WATSON-CRICK ?     ? ? 
hydrog6  hydrog ? ? A DG 2  O6 ? ? ? 1_555 B DC  11 N4 ? ? A DG 2  B DC  23 1_555 ? ? ? ? ? ? WATSON-CRICK ?     ? ? 
hydrog7  hydrog ? ? A DC 3  N3 ? ? ? 1_555 B DG  10 N1 ? ? A DC 3  B DG  22 1_555 ? ? ? ? ? ? WATSON-CRICK ?     ? ? 
hydrog8  hydrog ? ? A DC 3  N4 ? ? ? 1_555 B DG  10 O6 ? ? A DC 3  B DG  22 1_555 ? ? ? ? ? ? WATSON-CRICK ?     ? ? 
hydrog9  hydrog ? ? A DC 3  O2 ? ? ? 1_555 B DG  10 N2 ? ? A DC 3  B DG  22 1_555 ? ? ? ? ? ? WATSON-CRICK ?     ? ? 
hydrog10 hydrog ? ? A DA 4  N1 ? ? ? 1_555 B DT  9  N3 ? ? A DA 4  B DT  21 1_555 ? ? ? ? ? ? WATSON-CRICK ?     ? ? 
hydrog11 hydrog ? ? A DA 4  N6 ? ? ? 1_555 B DT  9  O4 ? ? A DA 4  B DT  21 1_555 ? ? ? ? ? ? WATSON-CRICK ?     ? ? 
hydrog12 hydrog ? ? A DA 5  N1 ? ? ? 1_555 B DT  8  N3 ? ? A DA 5  B DT  20 1_555 ? ? ? ? ? ? WATSON-CRICK ?     ? ? 
hydrog13 hydrog ? ? A DA 5  N6 ? ? ? 1_555 B DT  8  O4 ? ? A DA 5  B DT  20 1_555 ? ? ? ? ? ? WATSON-CRICK ?     ? ? 
hydrog14 hydrog ? ? A DA 6  N1 ? ? ? 1_555 B DT  7  N3 ? ? A DA 6  B DT  19 1_555 ? ? ? ? ? ? WATSON-CRICK ?     ? ? 
hydrog15 hydrog ? ? A DA 6  N6 ? ? ? 1_555 B DT  7  O4 ? ? A DA 6  B DT  19 1_555 ? ? ? ? ? ? WATSON-CRICK ?     ? ? 
hydrog16 hydrog ? ? A DT 7  N3 ? ? ? 1_555 B DA  6  N1 ? ? A DT 7  B DA  18 1_555 ? ? ? ? ? ? WATSON-CRICK ?     ? ? 
hydrog17 hydrog ? ? A DT 7  O4 ? ? ? 1_555 B DA  6  N6 ? ? A DT 7  B DA  18 1_555 ? ? ? ? ? ? WATSON-CRICK ?     ? ? 
hydrog18 hydrog ? ? A DT 8  N3 ? ? ? 1_555 B DA  5  N1 ? ? A DT 8  B DA  17 1_555 ? ? ? ? ? ? WATSON-CRICK ?     ? ? 
hydrog19 hydrog ? ? A DT 8  O4 ? ? ? 1_555 B DA  5  N6 ? ? A DT 8  B DA  17 1_555 ? ? ? ? ? ? WATSON-CRICK ?     ? ? 
hydrog20 hydrog ? ? A DT 9  N3 ? ? ? 1_555 B DA  4  N1 ? ? A DT 9  B DA  16 1_555 ? ? ? ? ? ? WATSON-CRICK ?     ? ? 
hydrog21 hydrog ? ? A DT 9  O4 ? ? ? 1_555 B DA  4  N6 ? ? A DT 9  B DA  16 1_555 ? ? ? ? ? ? WATSON-CRICK ?     ? ? 
hydrog22 hydrog ? ? A DG 10 N1 ? ? ? 1_555 B DC  3  N3 ? ? A DG 10 B DC  15 1_555 ? ? ? ? ? ? WATSON-CRICK ?     ? ? 
hydrog23 hydrog ? ? A DG 10 N2 ? ? ? 1_555 B DC  3  O2 ? ? A DG 10 B DC  15 1_555 ? ? ? ? ? ? WATSON-CRICK ?     ? ? 
hydrog24 hydrog ? ? A DG 10 O6 ? ? ? 1_555 B DC  3  N4 ? ? A DG 10 B DC  15 1_555 ? ? ? ? ? ? WATSON-CRICK ?     ? ? 
hydrog25 hydrog ? ? A DC 11 N3 ? ? ? 1_555 B DG  2  N1 ? ? A DC 11 B DG  14 1_555 ? ? ? ? ? ? WATSON-CRICK ?     ? ? 
hydrog26 hydrog ? ? A DC 11 N4 ? ? ? 1_555 B DG  2  O6 ? ? A DC 11 B DG  14 1_555 ? ? ? ? ? ? WATSON-CRICK ?     ? ? 
hydrog27 hydrog ? ? A DC 11 O2 ? ? ? 1_555 B DG  2  N2 ? ? A DC 11 B DG  14 1_555 ? ? ? ? ? ? WATSON-CRICK ?     ? ? 
hydrog28 hydrog ? ? A DG 12 N1 ? ? ? 1_555 B DC  1  N3 ? ? A DG 12 B DC  13 1_555 ? ? ? ? ? ? WATSON-CRICK ?     ? ? 
hydrog29 hydrog ? ? A DG 12 N2 ? ? ? 1_555 B DC  1  O2 ? ? A DG 12 B DC  13 1_555 ? ? ? ? ? ? WATSON-CRICK ?     ? ? 
hydrog30 hydrog ? ? A DG 12 O6 ? ? ? 1_555 B DC  1  N4 ? ? A DG 12 B DC  13 1_555 ? ? ? ? ? ? WATSON-CRICK ?     ? ? 
# 
loop_
_struct_conn_type.id 
_struct_conn_type.criteria 
_struct_conn_type.reference 
metalc ? ? 
hydrog ? ? 
# 
loop_
_pdbx_struct_conn_angle.id 
_pdbx_struct_conn_angle.ptnr1_label_atom_id 
_pdbx_struct_conn_angle.ptnr1_label_alt_id 
_pdbx_struct_conn_angle.ptnr1_label_asym_id 
_pdbx_struct_conn_angle.ptnr1_label_comp_id 
_pdbx_struct_conn_angle.ptnr1_label_seq_id 
_pdbx_struct_conn_angle.ptnr1_auth_atom_id 
_pdbx_struct_conn_angle.ptnr1_auth_asym_id 
_pdbx_struct_conn_angle.ptnr1_auth_comp_id 
_pdbx_struct_conn_angle.ptnr1_auth_seq_id 
_pdbx_struct_conn_angle.ptnr1_PDB_ins_code 
_pdbx_struct_conn_angle.ptnr1_symmetry 
_pdbx_struct_conn_angle.ptnr2_label_atom_id 
_pdbx_struct_conn_angle.ptnr2_label_alt_id 
_pdbx_struct_conn_angle.ptnr2_label_asym_id 
_pdbx_struct_conn_angle.ptnr2_label_comp_id 
_pdbx_struct_conn_angle.ptnr2_label_seq_id 
_pdbx_struct_conn_angle.ptnr2_auth_atom_id 
_pdbx_struct_conn_angle.ptnr2_auth_asym_id 
_pdbx_struct_conn_angle.ptnr2_auth_comp_id 
_pdbx_struct_conn_angle.ptnr2_auth_seq_id 
_pdbx_struct_conn_angle.ptnr2_PDB_ins_code 
_pdbx_struct_conn_angle.ptnr2_symmetry 
_pdbx_struct_conn_angle.ptnr3_label_atom_id 
_pdbx_struct_conn_angle.ptnr3_label_alt_id 
_pdbx_struct_conn_angle.ptnr3_label_asym_id 
_pdbx_struct_conn_angle.ptnr3_label_comp_id 
_pdbx_struct_conn_angle.ptnr3_label_seq_id 
_pdbx_struct_conn_angle.ptnr3_auth_atom_id 
_pdbx_struct_conn_angle.ptnr3_auth_asym_id 
_pdbx_struct_conn_angle.ptnr3_auth_comp_id 
_pdbx_struct_conn_angle.ptnr3_auth_seq_id 
_pdbx_struct_conn_angle.ptnr3_PDB_ins_code 
_pdbx_struct_conn_angle.ptnr3_symmetry 
_pdbx_struct_conn_angle.value 
_pdbx_struct_conn_angle.value_esd 
1  O ? E HOH . ? A HOH 41 ? 3_657 MG ? C MG . ? A MG 26 ? 1_555 O ? E HOH . ? A HOH 54 ? 1_555 69.3  ? 
2  O ? E HOH . ? A HOH 41 ? 3_657 MG ? C MG . ? A MG 26 ? 1_555 O ? E HOH . ? A HOH 55 ? 1_555 170.6 ? 
3  O ? E HOH . ? A HOH 54 ? 1_555 MG ? C MG . ? A MG 26 ? 1_555 O ? E HOH . ? A HOH 55 ? 1_555 117.4 ? 
4  O ? E HOH . ? A HOH 41 ? 3_657 MG ? C MG . ? A MG 26 ? 1_555 O ? E HOH . ? A HOH 66 ? 3_657 78.4  ? 
5  O ? E HOH . ? A HOH 54 ? 1_555 MG ? C MG . ? A MG 26 ? 1_555 O ? E HOH . ? A HOH 66 ? 3_657 81.6  ? 
6  O ? E HOH . ? A HOH 55 ? 1_555 MG ? C MG . ? A MG 26 ? 1_555 O ? E HOH . ? A HOH 66 ? 3_657 95.6  ? 
7  O ? E HOH . ? A HOH 41 ? 3_657 MG ? C MG . ? A MG 26 ? 1_555 O ? F HOH . ? B HOH 83 ? 1_555 81.1  ? 
8  O ? E HOH . ? A HOH 54 ? 1_555 MG ? C MG . ? A MG 26 ? 1_555 O ? F HOH . ? B HOH 83 ? 1_555 147.7 ? 
9  O ? E HOH . ? A HOH 55 ? 1_555 MG ? C MG . ? A MG 26 ? 1_555 O ? F HOH . ? B HOH 83 ? 1_555 90.8  ? 
10 O ? E HOH . ? A HOH 66 ? 3_657 MG ? C MG . ? A MG 26 ? 1_555 O ? F HOH . ? B HOH 83 ? 1_555 80.2  ? 
# 
loop_
_struct_site.id 
_struct_site.pdbx_evidence_code 
_struct_site.pdbx_auth_asym_id 
_struct_site.pdbx_auth_comp_id 
_struct_site.pdbx_auth_seq_id 
_struct_site.pdbx_auth_ins_code 
_struct_site.pdbx_num_residues 
_struct_site.details 
AC1 Software B BRN 25 ? 9 'BINDING SITE FOR RESIDUE BRN B 25' 
AC2 Software A MG  26 ? 5 'BINDING SITE FOR RESIDUE MG A 26'  
1   ?        ? ?   ?  ? ? ?                                   
# 
loop_
_struct_site_gen.id 
_struct_site_gen.site_id 
_struct_site_gen.pdbx_num_res 
_struct_site_gen.label_comp_id 
_struct_site_gen.label_asym_id 
_struct_site_gen.label_seq_id 
_struct_site_gen.pdbx_auth_ins_code 
_struct_site_gen.auth_comp_id 
_struct_site_gen.auth_asym_id 
_struct_site_gen.auth_seq_id 
_struct_site_gen.label_atom_id 
_struct_site_gen.label_alt_id 
_struct_site_gen.symmetry 
_struct_site_gen.details 
1  AC1 9 DA  A 6 ? DA  A 6  . ? 1_555 ? 
2  AC1 9 DT  A 7 ? DT  A 7  . ? 1_555 ? 
3  AC1 9 DT  A 8 ? DT  A 8  . ? 1_555 ? 
4  AC1 9 DT  A 9 ? DT  A 9  . ? 1_555 ? 
5  AC1 9 DA  B 6 ? DA  B 18 . ? 1_555 ? 
6  AC1 9 DT  B 7 ? DT  B 19 . ? 1_555 ? 
7  AC1 9 DT  B 8 ? DT  B 20 . ? 1_555 ? 
8  AC1 9 DT  B 9 ? DT  B 21 . ? 1_555 ? 
9  AC1 9 HOH F . ? HOH B 67 . ? 1_555 ? 
10 AC2 5 HOH E . ? HOH A 41 . ? 3_657 ? 
11 AC2 5 HOH E . ? HOH A 54 . ? 1_555 ? 
12 AC2 5 HOH E . ? HOH A 55 . ? 1_555 ? 
13 AC2 5 HOH E . ? HOH A 66 . ? 3_657 ? 
14 AC2 5 HOH F . ? HOH B 83 . ? 1_555 ? 
# 
loop_
_pdbx_validate_symm_contact.id 
_pdbx_validate_symm_contact.PDB_model_num 
_pdbx_validate_symm_contact.auth_atom_id_1 
_pdbx_validate_symm_contact.auth_asym_id_1 
_pdbx_validate_symm_contact.auth_comp_id_1 
_pdbx_validate_symm_contact.auth_seq_id_1 
_pdbx_validate_symm_contact.PDB_ins_code_1 
_pdbx_validate_symm_contact.label_alt_id_1 
_pdbx_validate_symm_contact.site_symmetry_1 
_pdbx_validate_symm_contact.auth_atom_id_2 
_pdbx_validate_symm_contact.auth_asym_id_2 
_pdbx_validate_symm_contact.auth_comp_id_2 
_pdbx_validate_symm_contact.auth_seq_id_2 
_pdbx_validate_symm_contact.PDB_ins_code_2 
_pdbx_validate_symm_contact.label_alt_id_2 
_pdbx_validate_symm_contact.site_symmetry_2 
_pdbx_validate_symm_contact.dist 
1 1 OP2   B DG  24 ? ? 1_555 O B HOH 61 ? ? 2_665 1.66 
2 1 "C5'" A DC  1  ? ? 1_555 O A HOH 64 ? ? 3_657 1.93 
3 1 O     A HOH 86 ? ? 1_555 O A HOH 91 ? ? 2_664 1.97 
4 1 O     A HOH 45 ? ? 1_555 O B HOH 70 ? ? 2_564 2.04 
5 1 O     A HOH 57 ? ? 1_555 O B HOH 46 ? ? 2_665 2.09 
# 
loop_
_pdbx_validate_rmsd_bond.id 
_pdbx_validate_rmsd_bond.PDB_model_num 
_pdbx_validate_rmsd_bond.auth_atom_id_1 
_pdbx_validate_rmsd_bond.auth_asym_id_1 
_pdbx_validate_rmsd_bond.auth_comp_id_1 
_pdbx_validate_rmsd_bond.auth_seq_id_1 
_pdbx_validate_rmsd_bond.PDB_ins_code_1 
_pdbx_validate_rmsd_bond.label_alt_id_1 
_pdbx_validate_rmsd_bond.auth_atom_id_2 
_pdbx_validate_rmsd_bond.auth_asym_id_2 
_pdbx_validate_rmsd_bond.auth_comp_id_2 
_pdbx_validate_rmsd_bond.auth_seq_id_2 
_pdbx_validate_rmsd_bond.PDB_ins_code_2 
_pdbx_validate_rmsd_bond.label_alt_id_2 
_pdbx_validate_rmsd_bond.bond_value 
_pdbx_validate_rmsd_bond.bond_target_value 
_pdbx_validate_rmsd_bond.bond_deviation 
_pdbx_validate_rmsd_bond.bond_standard_deviation 
_pdbx_validate_rmsd_bond.linker_flag 
1 1 "O3'" A DA 6 ? ? P     A DT 7 ? ? 1.524 1.607 -0.083 0.012 Y 
2 1 "O4'" A DT 8 ? ? "C1'" A DT 8 ? ? 1.490 1.420 0.070  0.011 N 
# 
loop_
_pdbx_validate_rmsd_angle.id 
_pdbx_validate_rmsd_angle.PDB_model_num 
_pdbx_validate_rmsd_angle.auth_atom_id_1 
_pdbx_validate_rmsd_angle.auth_asym_id_1 
_pdbx_validate_rmsd_angle.auth_comp_id_1 
_pdbx_validate_rmsd_angle.auth_seq_id_1 
_pdbx_validate_rmsd_angle.PDB_ins_code_1 
_pdbx_validate_rmsd_angle.label_alt_id_1 
_pdbx_validate_rmsd_angle.auth_atom_id_2 
_pdbx_validate_rmsd_angle.auth_asym_id_2 
_pdbx_validate_rmsd_angle.auth_comp_id_2 
_pdbx_validate_rmsd_angle.auth_seq_id_2 
_pdbx_validate_rmsd_angle.PDB_ins_code_2 
_pdbx_validate_rmsd_angle.label_alt_id_2 
_pdbx_validate_rmsd_angle.auth_atom_id_3 
_pdbx_validate_rmsd_angle.auth_asym_id_3 
_pdbx_validate_rmsd_angle.auth_comp_id_3 
_pdbx_validate_rmsd_angle.auth_seq_id_3 
_pdbx_validate_rmsd_angle.PDB_ins_code_3 
_pdbx_validate_rmsd_angle.label_alt_id_3 
_pdbx_validate_rmsd_angle.angle_value 
_pdbx_validate_rmsd_angle.angle_target_value 
_pdbx_validate_rmsd_angle.angle_deviation 
_pdbx_validate_rmsd_angle.angle_standard_deviation 
_pdbx_validate_rmsd_angle.linker_flag 
1  1 N3    A DC 1  ? ? C4    A DC 1  ? ? C5    A DC 1  ? ? 119.40 121.90 -2.50  0.40 N 
2  1 "O4'" A DG 2  ? ? "C1'" A DG 2  ? ? N9    A DG 2  ? ? 112.17 108.30 3.87   0.30 N 
3  1 "C3'" A DG 2  ? ? "O3'" A DG 2  ? ? P     A DC 3  ? ? 131.69 119.70 11.99  1.20 Y 
4  1 "O4'" A DA 4  ? ? "C1'" A DA 4  ? ? N9    A DA 4  ? ? 110.79 108.30 2.49   0.30 N 
5  1 C6    A DA 4  ? ? N1    A DA 4  ? ? C2    A DA 4  ? ? 123.39 118.60 4.79   0.60 N 
6  1 N1    A DA 4  ? ? C2    A DA 4  ? ? N3    A DA 4  ? ? 125.32 129.30 -3.98  0.50 N 
7  1 C5    A DA 4  ? ? C6    A DA 4  ? ? N1    A DA 4  ? ? 113.83 117.70 -3.87  0.50 N 
8  1 "O5'" A DA 5  ? ? "C5'" A DA 5  ? ? "C4'" A DA 5  ? ? 101.44 109.40 -7.96  0.80 N 
9  1 P     A DA 5  ? ? "O5'" A DA 5  ? ? "C5'" A DA 5  ? ? 110.91 120.90 -9.99  1.60 N 
10 1 C6    A DA 5  ? ? N1    A DA 5  ? ? C2    A DA 5  ? ? 122.40 118.60 3.80   0.60 N 
11 1 N1    A DA 5  ? ? C2    A DA 5  ? ? N3    A DA 5  ? ? 124.38 129.30 -4.92  0.50 N 
12 1 "C3'" A DA 5  ? ? "O3'" A DA 5  ? ? P     A DA 6  ? ? 131.54 119.70 11.84  1.20 Y 
13 1 "O5'" A DA 6  ? ? "C5'" A DA 6  ? ? "C4'" A DA 6  ? ? 102.82 109.40 -6.58  0.80 N 
14 1 "O4'" A DA 6  ? ? "C1'" A DA 6  ? ? N9    A DA 6  ? ? 110.22 108.30 1.92   0.30 N 
15 1 C6    A DA 6  ? ? N1    A DA 6  ? ? C2    A DA 6  ? ? 122.97 118.60 4.37   0.60 N 
16 1 N1    A DA 6  ? ? C2    A DA 6  ? ? N3    A DA 6  ? ? 125.14 129.30 -4.16  0.50 N 
17 1 C5    A DA 6  ? ? C6    A DA 6  ? ? N1    A DA 6  ? ? 114.23 117.70 -3.47  0.50 N 
18 1 C5    A DA 6  ? ? C6    A DA 6  ? ? N6    A DA 6  ? ? 128.62 123.70 4.92   0.80 N 
19 1 "C3'" A DA 6  ? ? "O3'" A DA 6  ? ? P     A DT 7  ? ? 132.70 119.70 13.00  1.20 Y 
20 1 "C3'" A DT 7  ? ? "O3'" A DT 7  ? ? P     A DT 8  ? ? 130.70 119.70 11.00  1.20 Y 
21 1 "O5'" A DT 8  ? ? "C5'" A DT 8  ? ? "C4'" A DT 8  ? ? 103.65 109.40 -5.75  0.80 N 
22 1 C2    A DT 8  ? ? N3    A DT 8  ? ? C4    A DT 8  ? ? 123.49 127.20 -3.71  0.60 N 
23 1 "O5'" A DT 9  ? ? "C5'" A DT 9  ? ? "C4'" A DT 9  ? ? 101.69 109.40 -7.71  0.80 N 
24 1 C2    A DT 9  ? ? N3    A DT 9  ? ? C4    A DT 9  ? ? 122.00 127.20 -5.20  0.60 N 
25 1 N3    A DT 9  ? ? C4    A DT 9  ? ? C5    A DT 9  ? ? 119.66 115.20 4.46   0.60 N 
26 1 "C3'" A DT 9  ? ? "O3'" A DT 9  ? ? P     A DG 10 ? ? 131.31 119.70 11.61  1.20 Y 
27 1 "O5'" A DG 10 ? ? "C5'" A DG 10 ? ? "C4'" A DG 10 ? ? 103.55 109.40 -5.85  0.80 N 
28 1 "C3'" A DG 10 ? ? "C2'" A DG 10 ? ? "C1'" A DG 10 ? ? 94.08  102.40 -8.32  0.80 N 
29 1 "O4'" A DG 10 ? ? "C1'" A DG 10 ? ? N9    A DG 10 ? ? 110.68 108.30 2.38   0.30 N 
30 1 C6    A DG 10 ? ? N1    A DG 10 ? ? C2    A DG 10 ? ? 120.96 125.10 -4.14  0.60 N 
31 1 C5    A DG 10 ? ? C6    A DG 10 ? ? N1    A DG 10 ? ? 115.43 111.50 3.93   0.50 N 
32 1 "O5'" A DC 11 ? ? "C5'" A DC 11 ? ? "C4'" A DC 11 ? ? 104.50 109.40 -4.90  0.80 N 
33 1 "C3'" B DC 13 ? ? "C2'" B DC 13 ? ? "C1'" B DC 13 ? ? 96.97  102.40 -5.43  0.80 N 
34 1 "O5'" B DA 16 ? ? "C5'" B DA 16 ? ? "C4'" B DA 16 ? ? 104.27 109.40 -5.13  0.80 N 
35 1 "O5'" B DA 17 ? ? "C5'" B DA 17 ? ? "C4'" B DA 17 ? ? 103.84 109.40 -5.56  0.80 N 
36 1 P     B DA 17 ? ? "O5'" B DA 17 ? ? "C5'" B DA 17 ? ? 110.56 120.90 -10.34 1.60 N 
37 1 "O4'" B DA 17 ? ? "C1'" B DA 17 ? ? N9    B DA 17 ? ? 110.81 108.30 2.51   0.30 N 
38 1 C6    B DA 17 ? ? N1    B DA 17 ? ? C2    B DA 17 ? ? 122.36 118.60 3.76   0.60 N 
39 1 N1    B DA 17 ? ? C2    B DA 17 ? ? N3    B DA 17 ? ? 125.75 129.30 -3.55  0.50 N 
40 1 "O5'" B DA 18 ? ? "C5'" B DA 18 ? ? "C4'" B DA 18 ? ? 103.97 109.40 -5.43  0.80 N 
41 1 "O4'" B DA 18 ? ? "C1'" B DA 18 ? ? N9    B DA 18 ? ? 111.40 108.30 3.10   0.30 N 
42 1 C6    B DA 18 ? ? N1    B DA 18 ? ? C2    B DA 18 ? ? 123.61 118.60 5.01   0.60 N 
43 1 N1    B DA 18 ? ? C2    B DA 18 ? ? N3    B DA 18 ? ? 125.29 129.30 -4.01  0.50 N 
44 1 C5    B DA 18 ? ? C6    B DA 18 ? ? N1    B DA 18 ? ? 113.80 117.70 -3.90  0.50 N 
45 1 "C3'" B DA 18 ? ? "O3'" B DA 18 ? ? P     B DT 19 ? ? 128.13 119.70 8.43   1.20 Y 
46 1 "O5'" B DT 19 ? ? "C5'" B DT 19 ? ? "C4'" B DT 19 ? ? 102.01 109.40 -7.39  0.80 N 
47 1 P     B DT 19 ? ? "O5'" B DT 19 ? ? "C5'" B DT 19 ? ? 108.90 120.90 -12.00 1.60 N 
48 1 "O4'" B DT 19 ? ? "C1'" B DT 19 ? ? N1    B DT 19 ? ? 110.13 108.30 1.83   0.30 N 
49 1 "C3'" B DT 19 ? ? "O3'" B DT 19 ? ? P     B DT 20 ? ? 131.36 119.70 11.66  1.20 Y 
50 1 "C3'" B DT 20 ? ? "O3'" B DT 20 ? ? P     B DT 21 ? ? 128.44 119.70 8.74   1.20 Y 
51 1 "O5'" B DT 21 ? ? "C5'" B DT 21 ? ? "C4'" B DT 21 ? ? 102.03 109.40 -7.37  0.80 N 
52 1 "O4'" B DT 21 ? ? "C1'" B DT 21 ? ? N1    B DT 21 ? ? 102.51 108.00 -5.49  0.70 N 
53 1 C2    B DT 21 ? ? N3    B DT 21 ? ? C4    B DT 21 ? ? 121.90 127.20 -5.30  0.60 N 
54 1 N3    B DT 21 ? ? C4    B DT 21 ? ? C5    B DT 21 ? ? 119.36 115.20 4.16   0.60 N 
55 1 "C3'" B DG 22 ? ? "C2'" B DG 22 ? ? "C1'" B DG 22 ? ? 96.58  102.40 -5.82  0.80 N 
56 1 "O4'" B DG 22 ? ? "C1'" B DG 22 ? ? N9    B DG 22 ? ? 113.56 108.30 5.26   0.30 N 
57 1 "O5'" B DC 23 ? ? "C5'" B DC 23 ? ? "C4'" B DC 23 ? ? 103.48 109.40 -5.92  0.80 N 
58 1 "O5'" B DG 24 ? ? "C5'" B DG 24 ? ? "C4'" B DG 24 ? ? 104.40 109.40 -5.00  0.80 N 
59 1 "O4'" B DG 24 ? ? "C1'" B DG 24 ? ? N9    B DG 24 ? ? 110.38 108.30 2.08   0.30 N 
60 1 C5    B DG 24 ? ? C6    B DG 24 ? ? N1    B DG 24 ? ? 114.53 111.50 3.03   0.50 N 
# 
_struct_site_keywords.site_id   1 
_struct_site_keywords.text      'MINOR GROOVE BINDER' 
# 
loop_
_refine_B_iso.class 
_refine_B_iso.details 
_refine_B_iso.treatment 
_refine_B_iso.pdbx_refine_id 
'ALL ATOMS'      TR isotropic 'X-RAY DIFFRACTION' 
'ALL WATERS'     TR isotropic 'X-RAY DIFFRACTION' 
'ALL DRUG ATOMS' TR isotropic 'X-RAY DIFFRACTION' 
# 
loop_
_refine_occupancy.class 
_refine_occupancy.treatment 
_refine_occupancy.pdbx_refine_id 
'ALL ATOMS'      fix 'X-RAY DIFFRACTION' 
'ALL WATERS'     fix 'X-RAY DIFFRACTION' 
'ALL DRUG ATOMS' fix 'X-RAY DIFFRACTION' 
# 
loop_
_chem_comp_atom.comp_id 
_chem_comp_atom.atom_id 
_chem_comp_atom.type_symbol 
_chem_comp_atom.pdbx_aromatic_flag 
_chem_comp_atom.pdbx_stereo_config 
_chem_comp_atom.pdbx_ordinal 
BRN C1     C  Y N 1   
BRN C2     C  Y N 2   
BRN C3     C  Y N 3   
BRN C4     C  Y N 4   
BRN C5     C  Y N 5   
BRN C6     C  Y N 6   
BRN C7     C  N N 7   
BRN NA     N  N N 8   
BRN NB     N  N N 9   
BRN N1     N  N N 10  
BRN N      N  N N 11  
BRN "N1'"  N  N N 12  
BRN "C1'"  C  Y N 13  
BRN "C2'"  C  Y N 14  
BRN "C3'"  C  Y N 15  
BRN "C4'"  C  Y N 16  
BRN "C5'"  C  Y N 17  
BRN "C6'"  C  Y N 18  
BRN "C7'"  C  N N 19  
BRN "NA'"  N  N N 20  
BRN "NB'"  N  N N 21  
BRN H2     H  N N 22  
BRN H3     H  N N 23  
BRN H5     H  N N 24  
BRN H6     H  N N 25  
BRN HA     H  N N 26  
BRN HB1    H  N N 27  
BRN HB2    H  N N 28  
BRN HN1    H  N N 29  
BRN "H2'"  H  N N 30  
BRN "H3'"  H  N N 31  
BRN "H5'"  H  N N 32  
BRN "H6'"  H  N N 33  
BRN "HA'"  H  N N 34  
BRN "HB'1" H  N N 35  
BRN "HB'2" H  N N 36  
DA  OP3    O  N N 37  
DA  P      P  N N 38  
DA  OP1    O  N N 39  
DA  OP2    O  N N 40  
DA  "O5'"  O  N N 41  
DA  "C5'"  C  N N 42  
DA  "C4'"  C  N R 43  
DA  "O4'"  O  N N 44  
DA  "C3'"  C  N S 45  
DA  "O3'"  O  N N 46  
DA  "C2'"  C  N N 47  
DA  "C1'"  C  N R 48  
DA  N9     N  Y N 49  
DA  C8     C  Y N 50  
DA  N7     N  Y N 51  
DA  C5     C  Y N 52  
DA  C6     C  Y N 53  
DA  N6     N  N N 54  
DA  N1     N  Y N 55  
DA  C2     C  Y N 56  
DA  N3     N  Y N 57  
DA  C4     C  Y N 58  
DA  HOP3   H  N N 59  
DA  HOP2   H  N N 60  
DA  "H5'"  H  N N 61  
DA  "H5''" H  N N 62  
DA  "H4'"  H  N N 63  
DA  "H3'"  H  N N 64  
DA  "HO3'" H  N N 65  
DA  "H2'"  H  N N 66  
DA  "H2''" H  N N 67  
DA  "H1'"  H  N N 68  
DA  H8     H  N N 69  
DA  H61    H  N N 70  
DA  H62    H  N N 71  
DA  H2     H  N N 72  
DC  OP3    O  N N 73  
DC  P      P  N N 74  
DC  OP1    O  N N 75  
DC  OP2    O  N N 76  
DC  "O5'"  O  N N 77  
DC  "C5'"  C  N N 78  
DC  "C4'"  C  N R 79  
DC  "O4'"  O  N N 80  
DC  "C3'"  C  N S 81  
DC  "O3'"  O  N N 82  
DC  "C2'"  C  N N 83  
DC  "C1'"  C  N R 84  
DC  N1     N  N N 85  
DC  C2     C  N N 86  
DC  O2     O  N N 87  
DC  N3     N  N N 88  
DC  C4     C  N N 89  
DC  N4     N  N N 90  
DC  C5     C  N N 91  
DC  C6     C  N N 92  
DC  HOP3   H  N N 93  
DC  HOP2   H  N N 94  
DC  "H5'"  H  N N 95  
DC  "H5''" H  N N 96  
DC  "H4'"  H  N N 97  
DC  "H3'"  H  N N 98  
DC  "HO3'" H  N N 99  
DC  "H2'"  H  N N 100 
DC  "H2''" H  N N 101 
DC  "H1'"  H  N N 102 
DC  H41    H  N N 103 
DC  H42    H  N N 104 
DC  H5     H  N N 105 
DC  H6     H  N N 106 
DG  OP3    O  N N 107 
DG  P      P  N N 108 
DG  OP1    O  N N 109 
DG  OP2    O  N N 110 
DG  "O5'"  O  N N 111 
DG  "C5'"  C  N N 112 
DG  "C4'"  C  N R 113 
DG  "O4'"  O  N N 114 
DG  "C3'"  C  N S 115 
DG  "O3'"  O  N N 116 
DG  "C2'"  C  N N 117 
DG  "C1'"  C  N R 118 
DG  N9     N  Y N 119 
DG  C8     C  Y N 120 
DG  N7     N  Y N 121 
DG  C5     C  Y N 122 
DG  C6     C  N N 123 
DG  O6     O  N N 124 
DG  N1     N  N N 125 
DG  C2     C  N N 126 
DG  N2     N  N N 127 
DG  N3     N  N N 128 
DG  C4     C  Y N 129 
DG  HOP3   H  N N 130 
DG  HOP2   H  N N 131 
DG  "H5'"  H  N N 132 
DG  "H5''" H  N N 133 
DG  "H4'"  H  N N 134 
DG  "H3'"  H  N N 135 
DG  "HO3'" H  N N 136 
DG  "H2'"  H  N N 137 
DG  "H2''" H  N N 138 
DG  "H1'"  H  N N 139 
DG  H8     H  N N 140 
DG  H1     H  N N 141 
DG  H21    H  N N 142 
DG  H22    H  N N 143 
DT  OP3    O  N N 144 
DT  P      P  N N 145 
DT  OP1    O  N N 146 
DT  OP2    O  N N 147 
DT  "O5'"  O  N N 148 
DT  "C5'"  C  N N 149 
DT  "C4'"  C  N R 150 
DT  "O4'"  O  N N 151 
DT  "C3'"  C  N S 152 
DT  "O3'"  O  N N 153 
DT  "C2'"  C  N N 154 
DT  "C1'"  C  N R 155 
DT  N1     N  N N 156 
DT  C2     C  N N 157 
DT  O2     O  N N 158 
DT  N3     N  N N 159 
DT  C4     C  N N 160 
DT  O4     O  N N 161 
DT  C5     C  N N 162 
DT  C7     C  N N 163 
DT  C6     C  N N 164 
DT  HOP3   H  N N 165 
DT  HOP2   H  N N 166 
DT  "H5'"  H  N N 167 
DT  "H5''" H  N N 168 
DT  "H4'"  H  N N 169 
DT  "H3'"  H  N N 170 
DT  "HO3'" H  N N 171 
DT  "H2'"  H  N N 172 
DT  "H2''" H  N N 173 
DT  "H1'"  H  N N 174 
DT  H3     H  N N 175 
DT  H71    H  N N 176 
DT  H72    H  N N 177 
DT  H73    H  N N 178 
DT  H6     H  N N 179 
HOH O      O  N N 180 
HOH H1     H  N N 181 
HOH H2     H  N N 182 
MG  MG     MG N N 183 
# 
loop_
_chem_comp_bond.comp_id 
_chem_comp_bond.atom_id_1 
_chem_comp_bond.atom_id_2 
_chem_comp_bond.value_order 
_chem_comp_bond.pdbx_aromatic_flag 
_chem_comp_bond.pdbx_stereo_config 
_chem_comp_bond.pdbx_ordinal 
BRN C1    C2     doub Y N 1   
BRN C1    C6     sing Y N 2   
BRN C1    N1     sing N N 3   
BRN C2    C3     sing Y N 4   
BRN C2    H2     sing N N 5   
BRN C3    C4     doub Y N 6   
BRN C3    H3     sing N N 7   
BRN C4    C5     sing Y N 8   
BRN C4    C7     sing N N 9   
BRN C5    C6     doub Y N 10  
BRN C5    H5     sing N N 11  
BRN C6    H6     sing N N 12  
BRN C7    NA     doub N N 13  
BRN C7    NB     sing N N 14  
BRN NA    HA     sing N N 15  
BRN NB    HB1    sing N N 16  
BRN NB    HB2    sing N N 17  
BRN N1    N      sing N N 18  
BRN N1    HN1    sing N N 19  
BRN N     "N1'"  doub N E 20  
BRN "N1'" "C1'"  sing N N 21  
BRN "C1'" "C2'"  doub Y N 22  
BRN "C1'" "C6'"  sing Y N 23  
BRN "C2'" "C3'"  sing Y N 24  
BRN "C2'" "H2'"  sing N N 25  
BRN "C3'" "C4'"  doub Y N 26  
BRN "C3'" "H3'"  sing N N 27  
BRN "C4'" "C5'"  sing Y N 28  
BRN "C4'" "C7'"  sing N N 29  
BRN "C5'" "C6'"  doub Y N 30  
BRN "C5'" "H5'"  sing N N 31  
BRN "C6'" "H6'"  sing N N 32  
BRN "C7'" "NA'"  doub N N 33  
BRN "C7'" "NB'"  sing N N 34  
BRN "NA'" "HA'"  sing N N 35  
BRN "NB'" "HB'1" sing N N 36  
BRN "NB'" "HB'2" sing N N 37  
DA  OP3   P      sing N N 38  
DA  OP3   HOP3   sing N N 39  
DA  P     OP1    doub N N 40  
DA  P     OP2    sing N N 41  
DA  P     "O5'"  sing N N 42  
DA  OP2   HOP2   sing N N 43  
DA  "O5'" "C5'"  sing N N 44  
DA  "C5'" "C4'"  sing N N 45  
DA  "C5'" "H5'"  sing N N 46  
DA  "C5'" "H5''" sing N N 47  
DA  "C4'" "O4'"  sing N N 48  
DA  "C4'" "C3'"  sing N N 49  
DA  "C4'" "H4'"  sing N N 50  
DA  "O4'" "C1'"  sing N N 51  
DA  "C3'" "O3'"  sing N N 52  
DA  "C3'" "C2'"  sing N N 53  
DA  "C3'" "H3'"  sing N N 54  
DA  "O3'" "HO3'" sing N N 55  
DA  "C2'" "C1'"  sing N N 56  
DA  "C2'" "H2'"  sing N N 57  
DA  "C2'" "H2''" sing N N 58  
DA  "C1'" N9     sing N N 59  
DA  "C1'" "H1'"  sing N N 60  
DA  N9    C8     sing Y N 61  
DA  N9    C4     sing Y N 62  
DA  C8    N7     doub Y N 63  
DA  C8    H8     sing N N 64  
DA  N7    C5     sing Y N 65  
DA  C5    C6     sing Y N 66  
DA  C5    C4     doub Y N 67  
DA  C6    N6     sing N N 68  
DA  C6    N1     doub Y N 69  
DA  N6    H61    sing N N 70  
DA  N6    H62    sing N N 71  
DA  N1    C2     sing Y N 72  
DA  C2    N3     doub Y N 73  
DA  C2    H2     sing N N 74  
DA  N3    C4     sing Y N 75  
DC  OP3   P      sing N N 76  
DC  OP3   HOP3   sing N N 77  
DC  P     OP1    doub N N 78  
DC  P     OP2    sing N N 79  
DC  P     "O5'"  sing N N 80  
DC  OP2   HOP2   sing N N 81  
DC  "O5'" "C5'"  sing N N 82  
DC  "C5'" "C4'"  sing N N 83  
DC  "C5'" "H5'"  sing N N 84  
DC  "C5'" "H5''" sing N N 85  
DC  "C4'" "O4'"  sing N N 86  
DC  "C4'" "C3'"  sing N N 87  
DC  "C4'" "H4'"  sing N N 88  
DC  "O4'" "C1'"  sing N N 89  
DC  "C3'" "O3'"  sing N N 90  
DC  "C3'" "C2'"  sing N N 91  
DC  "C3'" "H3'"  sing N N 92  
DC  "O3'" "HO3'" sing N N 93  
DC  "C2'" "C1'"  sing N N 94  
DC  "C2'" "H2'"  sing N N 95  
DC  "C2'" "H2''" sing N N 96  
DC  "C1'" N1     sing N N 97  
DC  "C1'" "H1'"  sing N N 98  
DC  N1    C2     sing N N 99  
DC  N1    C6     sing N N 100 
DC  C2    O2     doub N N 101 
DC  C2    N3     sing N N 102 
DC  N3    C4     doub N N 103 
DC  C4    N4     sing N N 104 
DC  C4    C5     sing N N 105 
DC  N4    H41    sing N N 106 
DC  N4    H42    sing N N 107 
DC  C5    C6     doub N N 108 
DC  C5    H5     sing N N 109 
DC  C6    H6     sing N N 110 
DG  OP3   P      sing N N 111 
DG  OP3   HOP3   sing N N 112 
DG  P     OP1    doub N N 113 
DG  P     OP2    sing N N 114 
DG  P     "O5'"  sing N N 115 
DG  OP2   HOP2   sing N N 116 
DG  "O5'" "C5'"  sing N N 117 
DG  "C5'" "C4'"  sing N N 118 
DG  "C5'" "H5'"  sing N N 119 
DG  "C5'" "H5''" sing N N 120 
DG  "C4'" "O4'"  sing N N 121 
DG  "C4'" "C3'"  sing N N 122 
DG  "C4'" "H4'"  sing N N 123 
DG  "O4'" "C1'"  sing N N 124 
DG  "C3'" "O3'"  sing N N 125 
DG  "C3'" "C2'"  sing N N 126 
DG  "C3'" "H3'"  sing N N 127 
DG  "O3'" "HO3'" sing N N 128 
DG  "C2'" "C1'"  sing N N 129 
DG  "C2'" "H2'"  sing N N 130 
DG  "C2'" "H2''" sing N N 131 
DG  "C1'" N9     sing N N 132 
DG  "C1'" "H1'"  sing N N 133 
DG  N9    C8     sing Y N 134 
DG  N9    C4     sing Y N 135 
DG  C8    N7     doub Y N 136 
DG  C8    H8     sing N N 137 
DG  N7    C5     sing Y N 138 
DG  C5    C6     sing N N 139 
DG  C5    C4     doub Y N 140 
DG  C6    O6     doub N N 141 
DG  C6    N1     sing N N 142 
DG  N1    C2     sing N N 143 
DG  N1    H1     sing N N 144 
DG  C2    N2     sing N N 145 
DG  C2    N3     doub N N 146 
DG  N2    H21    sing N N 147 
DG  N2    H22    sing N N 148 
DG  N3    C4     sing N N 149 
DT  OP3   P      sing N N 150 
DT  OP3   HOP3   sing N N 151 
DT  P     OP1    doub N N 152 
DT  P     OP2    sing N N 153 
DT  P     "O5'"  sing N N 154 
DT  OP2   HOP2   sing N N 155 
DT  "O5'" "C5'"  sing N N 156 
DT  "C5'" "C4'"  sing N N 157 
DT  "C5'" "H5'"  sing N N 158 
DT  "C5'" "H5''" sing N N 159 
DT  "C4'" "O4'"  sing N N 160 
DT  "C4'" "C3'"  sing N N 161 
DT  "C4'" "H4'"  sing N N 162 
DT  "O4'" "C1'"  sing N N 163 
DT  "C3'" "O3'"  sing N N 164 
DT  "C3'" "C2'"  sing N N 165 
DT  "C3'" "H3'"  sing N N 166 
DT  "O3'" "HO3'" sing N N 167 
DT  "C2'" "C1'"  sing N N 168 
DT  "C2'" "H2'"  sing N N 169 
DT  "C2'" "H2''" sing N N 170 
DT  "C1'" N1     sing N N 171 
DT  "C1'" "H1'"  sing N N 172 
DT  N1    C2     sing N N 173 
DT  N1    C6     sing N N 174 
DT  C2    O2     doub N N 175 
DT  C2    N3     sing N N 176 
DT  N3    C4     sing N N 177 
DT  N3    H3     sing N N 178 
DT  C4    O4     doub N N 179 
DT  C4    C5     sing N N 180 
DT  C5    C7     sing N N 181 
DT  C5    C6     doub N N 182 
DT  C7    H71    sing N N 183 
DT  C7    H72    sing N N 184 
DT  C7    H73    sing N N 185 
DT  C6    H6     sing N N 186 
HOH O     H1     sing N N 187 
HOH O     H2     sing N N 188 
# 
_ndb_struct_conf_na.entry_id   1D63 
_ndb_struct_conf_na.feature    'b-form double helix' 
# 
loop_
_ndb_struct_na_base_pair.model_number 
_ndb_struct_na_base_pair.i_label_asym_id 
_ndb_struct_na_base_pair.i_label_comp_id 
_ndb_struct_na_base_pair.i_label_seq_id 
_ndb_struct_na_base_pair.i_symmetry 
_ndb_struct_na_base_pair.j_label_asym_id 
_ndb_struct_na_base_pair.j_label_comp_id 
_ndb_struct_na_base_pair.j_label_seq_id 
_ndb_struct_na_base_pair.j_symmetry 
_ndb_struct_na_base_pair.shear 
_ndb_struct_na_base_pair.stretch 
_ndb_struct_na_base_pair.stagger 
_ndb_struct_na_base_pair.buckle 
_ndb_struct_na_base_pair.propeller 
_ndb_struct_na_base_pair.opening 
_ndb_struct_na_base_pair.pair_number 
_ndb_struct_na_base_pair.pair_name 
_ndb_struct_na_base_pair.i_auth_asym_id 
_ndb_struct_na_base_pair.i_auth_seq_id 
_ndb_struct_na_base_pair.i_PDB_ins_code 
_ndb_struct_na_base_pair.j_auth_asym_id 
_ndb_struct_na_base_pair.j_auth_seq_id 
_ndb_struct_na_base_pair.j_PDB_ins_code 
_ndb_struct_na_base_pair.hbond_type_28 
_ndb_struct_na_base_pair.hbond_type_12 
1 A DC 1  1_555 B DG 12 1_555 0.138  -0.127 -0.142 6.727  -12.201 -0.903 1  A_DC1:DG24_B  A 1  ? B 24 ? 19 1 
1 A DG 2  1_555 B DC 11 1_555 -0.223 -0.196 0.248  0.535  -12.462 -3.691 2  A_DG2:DC23_B  A 2  ? B 23 ? 19 1 
1 A DC 3  1_555 B DG 10 1_555 -0.215 -0.059 0.279  -5.475 -7.477  0.505  3  A_DC3:DG22_B  A 3  ? B 22 ? 19 1 
1 A DA 4  1_555 B DT 9  1_555 -0.245 -0.130 -0.139 10.114 -12.592 0.377  4  A_DA4:DT21_B  A 4  ? B 21 ? 20 1 
1 A DA 5  1_555 B DT 8  1_555 0.167  -0.095 -0.096 11.099 -22.653 0.709  5  A_DA5:DT20_B  A 5  ? B 20 ? 20 1 
1 A DA 6  1_555 B DT 7  1_555 0.116  -0.137 0.328  5.412  -18.310 2.006  6  A_DA6:DT19_B  A 6  ? B 19 ? 20 1 
1 A DT 7  1_555 B DA 6  1_555 -0.098 -0.096 0.147  -0.972 -18.450 0.360  7  A_DT7:DA18_B  A 7  ? B 18 ? 20 1 
1 A DT 8  1_555 B DA 5  1_555 -0.166 -0.088 0.177  -8.982 -18.084 -3.099 8  A_DT8:DA17_B  A 8  ? B 17 ? 20 1 
1 A DT 9  1_555 B DA 4  1_555 -0.103 -0.038 0.044  -9.769 -12.111 -3.461 9  A_DT9:DA16_B  A 9  ? B 16 ? 20 1 
1 A DG 10 1_555 B DC 3  1_555 -0.081 -0.076 0.018  8.007  -5.137  0.345  10 A_DG10:DC15_B A 10 ? B 15 ? 19 1 
1 A DC 11 1_555 B DG 2  1_555 0.005  -0.181 0.420  3.967  -21.588 -4.154 11 A_DC11:DG14_B A 11 ? B 14 ? 19 1 
1 A DG 12 1_555 B DC 1  1_555 -0.146 -0.152 -0.048 7.707  11.556  -3.391 12 A_DG12:DC13_B A 12 ? B 13 ? 19 1 
# 
loop_
_ndb_struct_na_base_pair_step.model_number 
_ndb_struct_na_base_pair_step.i_label_asym_id_1 
_ndb_struct_na_base_pair_step.i_label_comp_id_1 
_ndb_struct_na_base_pair_step.i_label_seq_id_1 
_ndb_struct_na_base_pair_step.i_symmetry_1 
_ndb_struct_na_base_pair_step.j_label_asym_id_1 
_ndb_struct_na_base_pair_step.j_label_comp_id_1 
_ndb_struct_na_base_pair_step.j_label_seq_id_1 
_ndb_struct_na_base_pair_step.j_symmetry_1 
_ndb_struct_na_base_pair_step.i_label_asym_id_2 
_ndb_struct_na_base_pair_step.i_label_comp_id_2 
_ndb_struct_na_base_pair_step.i_label_seq_id_2 
_ndb_struct_na_base_pair_step.i_symmetry_2 
_ndb_struct_na_base_pair_step.j_label_asym_id_2 
_ndb_struct_na_base_pair_step.j_label_comp_id_2 
_ndb_struct_na_base_pair_step.j_label_seq_id_2 
_ndb_struct_na_base_pair_step.j_symmetry_2 
_ndb_struct_na_base_pair_step.shift 
_ndb_struct_na_base_pair_step.slide 
_ndb_struct_na_base_pair_step.rise 
_ndb_struct_na_base_pair_step.tilt 
_ndb_struct_na_base_pair_step.roll 
_ndb_struct_na_base_pair_step.twist 
_ndb_struct_na_base_pair_step.x_displacement 
_ndb_struct_na_base_pair_step.y_displacement 
_ndb_struct_na_base_pair_step.helical_rise 
_ndb_struct_na_base_pair_step.inclination 
_ndb_struct_na_base_pair_step.tip 
_ndb_struct_na_base_pair_step.helical_twist 
_ndb_struct_na_base_pair_step.step_number 
_ndb_struct_na_base_pair_step.step_name 
_ndb_struct_na_base_pair_step.i_auth_asym_id_1 
_ndb_struct_na_base_pair_step.i_auth_seq_id_1 
_ndb_struct_na_base_pair_step.i_PDB_ins_code_1 
_ndb_struct_na_base_pair_step.j_auth_asym_id_1 
_ndb_struct_na_base_pair_step.j_auth_seq_id_1 
_ndb_struct_na_base_pair_step.j_PDB_ins_code_1 
_ndb_struct_na_base_pair_step.i_auth_asym_id_2 
_ndb_struct_na_base_pair_step.i_auth_seq_id_2 
_ndb_struct_na_base_pair_step.i_PDB_ins_code_2 
_ndb_struct_na_base_pair_step.j_auth_asym_id_2 
_ndb_struct_na_base_pair_step.j_auth_seq_id_2 
_ndb_struct_na_base_pair_step.j_PDB_ins_code_2 
1 A DC 1  1_555 B DG 12 1_555 A DG 2  1_555 B DC 11 1_555 0.041  0.315  3.531 -1.564 3.832  36.380 -0.070 -0.298 3.540 6.114   
2.495  36.607 1  AA_DC1DG2:DC23DG24_BB   A 1  ? B 24 ? A 2  ? B 23 ? 
1 A DG 2  1_555 B DC 11 1_555 A DC 3  1_555 B DG 10 1_555 0.597  0.152  3.518 1.856  -3.950 38.433 0.752  -0.655 3.510 -5.977  
-2.809 38.671 2  AA_DG2DC3:DG22DC23_BB   A 2  ? B 23 ? A 3  ? B 22 ? 
1 A DC 3  1_555 B DG 10 1_555 A DA 4  1_555 B DT 9  1_555 -0.146 0.660  3.083 4.525  5.797  28.079 0.092  1.248  3.094 11.696  
-9.130 29.007 3  AA_DC3DA4:DT21DG22_BB   A 3  ? B 22 ? A 4  ? B 21 ? 
1 A DA 4  1_555 B DT 9  1_555 A DA 5  1_555 B DT 8  1_555 0.011  0.223  3.316 0.499  2.259  37.539 0.047  0.048  3.323 3.507   
-0.775 37.608 4  AA_DA4DA5:DT20DT21_BB   A 4  ? B 21 ? A 5  ? B 20 ? 
1 A DA 5  1_555 B DT 8  1_555 A DA 6  1_555 B DT 7  1_555 0.239  -0.361 3.252 -4.708 3.655  37.838 -1.002 -0.947 3.153 5.593   
7.206  38.287 5  AA_DA5DA6:DT19DT20_BB   A 5  ? B 20 ? A 6  ? B 19 ? 
1 A DA 6  1_555 B DT 7  1_555 A DT 7  1_555 B DA 6  1_555 -0.163 -0.902 3.452 1.547  2.006  30.060 -2.161 0.642  3.374 3.859   
-2.975 30.164 6  AA_DA6DT7:DA18DT19_BB   A 6  ? B 19 ? A 7  ? B 18 ? 
1 A DT 7  1_555 B DA 6  1_555 A DT 8  1_555 B DA 5  1_555 -0.333 -0.200 3.426 0.134  1.576  38.464 -0.508 0.523  3.415 2.391   
-0.203 38.495 7  AA_DT7DT8:DA17DA18_BB   A 7  ? B 18 ? A 8  ? B 17 ? 
1 A DT 8  1_555 B DA 5  1_555 A DT 9  1_555 B DA 4  1_555 -0.005 0.050  3.299 2.191  -4.091 35.679 0.668  0.323  3.267 -6.643  
-3.557 35.970 8  AA_DT8DT9:DA16DA17_BB   A 8  ? B 17 ? A 9  ? B 16 ? 
1 A DT 9  1_555 B DA 4  1_555 A DG 10 1_555 B DC 3  1_555 0.658  1.391  3.106 0.730  0.808  32.761 2.332  -1.046 3.152 1.433   
-1.294 32.778 9  AA_DT9DG10:DC15DA16_BB  A 9  ? B 16 ? A 10 ? B 15 ? 
1 A DG 10 1_555 B DC 3  1_555 A DC 11 1_555 B DG 2  1_555 -0.981 0.624  3.491 -4.399 -8.548 40.966 1.814  0.882  3.384 -12.014 
6.183  42.031 10 AA_DG10DC11:DG14DC15_BB A 10 ? B 15 ? A 11 ? B 14 ? 
1 A DC 11 1_555 B DG 2  1_555 A DG 12 1_555 B DC 1  1_555 0.709  0.602  3.451 4.280  -6.350 38.191 1.715  -0.517 3.369 -9.588  
-6.462 38.923 11 AA_DC11DG12:DC13DG14_BB A 11 ? B 14 ? A 12 ? B 13 ? 
# 
_atom_sites.entry_id                    1D63 
_atom_sites.fract_transf_matrix[1][1]   -0.01349424 
_atom_sites.fract_transf_matrix[1][2]   0.02302167 
_atom_sites.fract_transf_matrix[1][3]   0.03057727 
_atom_sites.fract_transf_matrix[2][1]   -0.00050790 
_atom_sites.fract_transf_matrix[2][2]   -0.01977557 
_atom_sites.fract_transf_matrix[2][3]   0.01466491 
_atom_sites.fract_transf_matrix[3][1]   0.01449014 
_atom_sites.fract_transf_matrix[3][2]   0.00280427 
_atom_sites.fract_transf_matrix[3][3]   0.00428339 
_atom_sites.fract_transf_vector[1]      0.566055 
_atom_sites.fract_transf_vector[2]      0.524107 
_atom_sites.fract_transf_vector[3]      1.126826 
# 
loop_
_atom_type.symbol 
C  
MG 
N  
O  
P  
# 
loop_
_atom_site.group_PDB 
_atom_site.id 
_atom_site.type_symbol 
_atom_site.label_atom_id 
_atom_site.label_alt_id 
_atom_site.label_comp_id 
_atom_site.label_asym_id 
_atom_site.label_entity_id 
_atom_site.label_seq_id 
_atom_site.pdbx_PDB_ins_code 
_atom_site.Cartn_x 
_atom_site.Cartn_y 
_atom_site.Cartn_z 
_atom_site.occupancy 
_atom_site.B_iso_or_equiv 
_atom_site.pdbx_formal_charge 
_atom_site.auth_seq_id 
_atom_site.auth_comp_id 
_atom_site.auth_asym_id 
_atom_site.auth_atom_id 
_atom_site.pdbx_PDB_model_num 
ATOM   1   O  "O5'" . DC  A 1 1  ? 14.279  -4.573  16.061  1.00 44.60 ? 1  DC  A "O5'" 1 
ATOM   2   C  "C5'" . DC  A 1 1  ? 12.853  -4.524  15.853  1.00 36.80 ? 1  DC  A "C5'" 1 
ATOM   3   C  "C4'" . DC  A 1 1  ? 12.445  -3.078  15.961  1.00 36.46 ? 1  DC  A "C4'" 1 
ATOM   4   O  "O4'" . DC  A 1 1  ? 13.209  -2.250  15.099  1.00 35.84 ? 1  DC  A "O4'" 1 
ATOM   5   C  "C3'" . DC  A 1 1  ? 10.999  -2.783  15.592  1.00 34.45 ? 1  DC  A "C3'" 1 
ATOM   6   O  "O3'" . DC  A 1 1  ? 10.557  -1.623  16.282  1.00 39.28 ? 1  DC  A "O3'" 1 
ATOM   7   C  "C2'" . DC  A 1 1  ? 11.140  -2.583  14.073  1.00 33.32 ? 1  DC  A "C2'" 1 
ATOM   8   C  "C1'" . DC  A 1 1  ? 12.339  -1.680  14.051  1.00 32.69 ? 1  DC  A "C1'" 1 
ATOM   9   N  N1    . DC  A 1 1  ? 13.113  -1.766  12.795  1.00 32.21 ? 1  DC  A N1    1 
ATOM   10  C  C2    . DC  A 1 1  ? 13.699  -0.598  12.338  1.00 29.70 ? 1  DC  A C2    1 
ATOM   11  O  O2    . DC  A 1 1  ? 13.545  0.455   12.942  1.00 27.25 ? 1  DC  A O2    1 
ATOM   12  N  N3    . DC  A 1 1  ? 14.450  -0.666  11.194  1.00 28.34 ? 1  DC  A N3    1 
ATOM   13  C  C4    . DC  A 1 1  ? 14.630  -1.838  10.514  1.00 27.66 ? 1  DC  A C4    1 
ATOM   14  N  N4    . DC  A 1 1  ? 15.371  -1.853  9.394   1.00 22.28 ? 1  DC  A N4    1 
ATOM   15  C  C5    . DC  A 1 1  ? 14.025  -3.025  11.000  1.00 24.77 ? 1  DC  A C5    1 
ATOM   16  C  C6    . DC  A 1 1  ? 13.299  -2.941  12.117  1.00 30.25 ? 1  DC  A C6    1 
ATOM   17  P  P     . DG  A 1 2  ? 9.060   -1.259  16.626  1.00 50.02 ? 2  DG  A P     1 
ATOM   18  O  OP1   . DG  A 1 2  ? 9.024   -1.031  18.139  1.00 53.76 ? 2  DG  A OP1   1 
ATOM   19  O  OP2   . DG  A 1 2  ? 8.260   -2.402  16.182  1.00 48.55 ? 2  DG  A OP2   1 
ATOM   20  O  "O5'" . DG  A 1 2  ? 8.722   0.087   15.859  1.00 38.90 ? 2  DG  A "O5'" 1 
ATOM   21  C  "C5'" . DG  A 1 2  ? 9.616   1.209   16.046  1.00 34.46 ? 2  DG  A "C5'" 1 
ATOM   22  C  "C4'" . DG  A 1 2  ? 9.223   2.218   14.992  1.00 33.87 ? 2  DG  A "C4'" 1 
ATOM   23  O  "O4'" . DG  A 1 2  ? 10.024  2.039   13.845  1.00 31.91 ? 2  DG  A "O4'" 1 
ATOM   24  C  "C3'" . DG  A 1 2  ? 7.770   2.162   14.525  1.00 32.44 ? 2  DG  A "C3'" 1 
ATOM   25  O  "O3'" . DG  A 1 2  ? 7.203   3.454   14.338  1.00 33.51 ? 2  DG  A "O3'" 1 
ATOM   26  C  "C2'" . DG  A 1 2  ? 7.896   1.378   13.214  1.00 31.47 ? 2  DG  A "C2'" 1 
ATOM   27  C  "C1'" . DG  A 1 2  ? 9.208   1.930   12.681  1.00 28.06 ? 2  DG  A "C1'" 1 
ATOM   28  N  N9    . DG  A 1 2  ? 9.774   0.990   11.690  1.00 26.12 ? 2  DG  A N9    1 
ATOM   29  C  C8    . DG  A 1 2  ? 9.612   -0.368  11.633  1.00 21.92 ? 2  DG  A C8    1 
ATOM   30  N  N7    . DG  A 1 2  ? 10.275  -0.929  10.642  1.00 25.32 ? 2  DG  A N7    1 
ATOM   31  C  C5    . DG  A 1 2  ? 10.890  0.153   10.000  1.00 22.25 ? 2  DG  A C5    1 
ATOM   32  C  C6    . DG  A 1 2  ? 11.717  0.215   8.846   1.00 24.17 ? 2  DG  A C6    1 
ATOM   33  O  O6    . DG  A 1 2  ? 12.076  -0.722  8.125   1.00 23.54 ? 2  DG  A O6    1 
ATOM   34  N  N1    . DG  A 1 2  ? 12.138  1.479   8.531   1.00 20.28 ? 2  DG  A N1    1 
ATOM   35  C  C2    . DG  A 1 2  ? 11.772  2.580   9.235   1.00 19.95 ? 2  DG  A C2    1 
ATOM   36  N  N2    . DG  A 1 2  ? 12.250  3.760   8.781   1.00 17.54 ? 2  DG  A N2    1 
ATOM   37  N  N3    . DG  A 1 2  ? 11.005  2.569   10.318  1.00 20.48 ? 2  DG  A N3    1 
ATOM   38  C  C4    . DG  A 1 2  ? 10.591  1.331   10.639  1.00 21.89 ? 2  DG  A C4    1 
ATOM   39  P  P     . DC  A 1 3  ? 5.688   3.932   14.105  1.00 35.64 ? 3  DC  A P     1 
ATOM   40  O  OP1   . DC  A 1 3  ? 5.404   4.821   15.301  1.00 34.56 ? 3  DC  A OP1   1 
ATOM   41  O  OP2   . DC  A 1 3  ? 4.909   2.726   13.959  1.00 33.05 ? 3  DC  A OP2   1 
ATOM   42  O  "O5'" . DC  A 1 3  ? 5.709   4.847   12.803  1.00 31.83 ? 3  DC  A "O5'" 1 
ATOM   43  C  "C5'" . DC  A 1 3  ? 6.646   5.945   12.700  1.00 27.97 ? 3  DC  A "C5'" 1 
ATOM   44  C  "C4'" . DC  A 1 3  ? 7.058   6.063   11.250  1.00 29.09 ? 3  DC  A "C4'" 1 
ATOM   45  O  "O4'" . DC  A 1 3  ? 7.813   4.952   10.801  1.00 27.23 ? 3  DC  A "O4'" 1 
ATOM   46  C  "C3'" . DC  A 1 3  ? 5.924   6.220   10.271  1.00 29.56 ? 3  DC  A "C3'" 1 
ATOM   47  O  "O3'" . DC  A 1 3  ? 5.746   7.644   9.962   1.00 34.32 ? 3  DC  A "O3'" 1 
ATOM   48  C  "C2'" . DC  A 1 3  ? 6.365   5.488   9.026   1.00 28.46 ? 3  DC  A "C2'" 1 
ATOM   49  C  "C1'" . DC  A 1 3  ? 7.756   4.967   9.326   1.00 24.29 ? 3  DC  A "C1'" 1 
ATOM   50  N  N1    . DC  A 1 3  ? 7.806   3.549   8.895   1.00 21.99 ? 3  DC  A N1    1 
ATOM   51  C  C2    . DC  A 1 3  ? 8.564   3.173   7.815   1.00 20.38 ? 3  DC  A C2    1 
ATOM   52  O  O2    . DC  A 1 3  ? 9.202   4.039   7.239   1.00 22.28 ? 3  DC  A O2    1 
ATOM   53  N  N3    . DC  A 1 3  ? 8.584   1.845   7.498   1.00 22.95 ? 3  DC  A N3    1 
ATOM   54  C  C4    . DC  A 1 3  ? 7.853   0.930   8.189   1.00 22.89 ? 3  DC  A C4    1 
ATOM   55  N  N4    . DC  A 1 3  ? 7.910   -0.356  7.786   1.00 25.30 ? 3  DC  A N4    1 
ATOM   56  C  C5    . DC  A 1 3  ? 7.038   1.333   9.282   1.00 20.52 ? 3  DC  A C5    1 
ATOM   57  C  C6    . DC  A 1 3  ? 7.066   2.621   9.604   1.00 20.34 ? 3  DC  A C6    1 
ATOM   58  P  P     . DA  A 1 4  ? 4.435   8.071   9.238   1.00 33.15 ? 4  DA  A P     1 
ATOM   59  O  OP1   . DA  A 1 4  ? 3.703   9.155   9.931   1.00 43.60 ? 4  DA  A OP1   1 
ATOM   60  O  OP2   . DA  A 1 4  ? 3.602   6.790   9.159   1.00 32.52 ? 4  DA  A OP2   1 
ATOM   61  O  "O5'" . DA  A 1 4  ? 4.872   8.464   7.736   1.00 34.11 ? 4  DA  A "O5'" 1 
ATOM   62  C  "C5'" . DA  A 1 4  ? 6.248   8.893   7.565   1.00 29.43 ? 4  DA  A "C5'" 1 
ATOM   63  C  "C4'" . DA  A 1 4  ? 6.598   8.678   6.122   1.00 30.24 ? 4  DA  A "C4'" 1 
ATOM   64  O  "O4'" . DA  A 1 4  ? 6.940   7.346   5.837   1.00 29.04 ? 4  DA  A "O4'" 1 
ATOM   65  C  "C3'" . DA  A 1 4  ? 5.478   9.039   5.124   1.00 30.68 ? 4  DA  A "C3'" 1 
ATOM   66  O  "O3'" . DA  A 1 4  ? 6.058   9.749   4.027   1.00 32.53 ? 4  DA  A "O3'" 1 
ATOM   67  C  "C2'" . DA  A 1 4  ? 4.864   7.680   4.846   1.00 28.51 ? 4  DA  A "C2'" 1 
ATOM   68  C  "C1'" . DA  A 1 4  ? 6.066   6.745   4.867   1.00 25.37 ? 4  DA  A "C1'" 1 
ATOM   69  N  N9    . DA  A 1 4  ? 5.759   5.350   5.232   1.00 25.38 ? 4  DA  A N9    1 
ATOM   70  C  C8    . DA  A 1 4  ? 4.851   4.864   6.127   1.00 23.92 ? 4  DA  A C8    1 
ATOM   71  N  N7    . DA  A 1 4  ? 4.829   3.553   6.240   1.00 25.84 ? 4  DA  A N7    1 
ATOM   72  C  C5    . DA  A 1 4  ? 5.827   3.138   5.355   1.00 22.97 ? 4  DA  A C5    1 
ATOM   73  C  C6    . DA  A 1 4  ? 6.306   1.842   5.028   1.00 21.87 ? 4  DA  A C6    1 
ATOM   74  N  N6    . DA  A 1 4  ? 5.841   0.700   5.525   1.00 20.69 ? 4  DA  A N6    1 
ATOM   75  N  N1    . DA  A 1 4  ? 7.289   1.840   4.105   1.00 21.76 ? 4  DA  A N1    1 
ATOM   76  C  C2    . DA  A 1 4  ? 7.799   2.978   3.549   1.00 19.36 ? 4  DA  A C2    1 
ATOM   77  N  N3    . DA  A 1 4  ? 7.402   4.211   3.829   1.00 24.96 ? 4  DA  A N3    1 
ATOM   78  C  C4    . DA  A 1 4  ? 6.405   4.223   4.744   1.00 24.60 ? 4  DA  A C4    1 
ATOM   79  P  P     . DA  A 1 5  ? 5.224   10.364  2.803   1.00 49.85 ? 5  DA  A P     1 
ATOM   80  O  OP1   . DA  A 1 5  ? 5.878   11.663  2.402   1.00 51.83 ? 5  DA  A OP1   1 
ATOM   81  O  OP2   . DA  A 1 5  ? 3.832   10.472  3.194   1.00 48.16 ? 5  DA  A OP2   1 
ATOM   82  O  "O5'" . DA  A 1 5  ? 5.482   9.290   1.630   1.00 43.35 ? 5  DA  A "O5'" 1 
ATOM   83  C  "C5'" . DA  A 1 5  ? 6.904   9.307   1.198   1.00 37.81 ? 5  DA  A "C5'" 1 
ATOM   84  C  "C4'" . DA  A 1 5  ? 6.954   8.102   0.276   1.00 34.88 ? 5  DA  A "C4'" 1 
ATOM   85  O  "O4'" . DA  A 1 5  ? 6.528   6.983   1.003   1.00 33.54 ? 5  DA  A "O4'" 1 
ATOM   86  C  "C3'" . DA  A 1 5  ? 6.045   8.206   -0.965  1.00 31.31 ? 5  DA  A "C3'" 1 
ATOM   87  O  "O3'" . DA  A 1 5  ? 6.842   7.892   -2.103  1.00 37.63 ? 5  DA  A "O3'" 1 
ATOM   88  C  "C2'" . DA  A 1 5  ? 4.931   7.206   -0.674  1.00 31.69 ? 5  DA  A "C2'" 1 
ATOM   89  C  "C1'" . DA  A 1 5  ? 5.649   6.166   0.144   1.00 27.25 ? 5  DA  A "C1'" 1 
ATOM   90  N  N9    . DA  A 1 5  ? 4.820   5.361   1.028   1.00 26.40 ? 5  DA  A N9    1 
ATOM   91  C  C8    . DA  A 1 5  ? 3.784   5.738   1.855   1.00 25.26 ? 5  DA  A C8    1 
ATOM   92  N  N7    . DA  A 1 5  ? 3.243   4.750   2.536   1.00 22.36 ? 5  DA  A N7    1 
ATOM   93  C  C5    . DA  A 1 5  ? 3.994   3.642   2.145   1.00 20.70 ? 5  DA  A C5    1 
ATOM   94  C  C6    . DA  A 1 5  ? 3.924   2.297   2.538   1.00 18.83 ? 5  DA  A C6    1 
ATOM   95  N  N6    . DA  A 1 5  ? 3.091   1.765   3.415   1.00 22.58 ? 5  DA  A N6    1 
ATOM   96  N  N1    . DA  A 1 5  ? 4.819   1.463   1.923   1.00 21.85 ? 5  DA  A N1    1 
ATOM   97  C  C2    . DA  A 1 5  ? 5.731   1.912   1.018   1.00 18.42 ? 5  DA  A C2    1 
ATOM   98  N  N3    . DA  A 1 5  ? 5.842   3.183   0.628   1.00 22.39 ? 5  DA  A N3    1 
ATOM   99  C  C4    . DA  A 1 5  ? 4.950   3.989   1.227   1.00 20.58 ? 5  DA  A C4    1 
ATOM   100 P  P     . DA  A 1 6  ? 6.479   7.791   -3.657  1.00 38.76 ? 6  DA  A P     1 
ATOM   101 O  OP1   . DA  A 1 6  ? 7.571   8.248   -4.545  1.00 36.11 ? 6  DA  A OP1   1 
ATOM   102 O  OP2   . DA  A 1 6  ? 5.231   8.614   -3.778  1.00 37.86 ? 6  DA  A OP2   1 
ATOM   103 O  "O5'" . DA  A 1 6  ? 6.213   6.222   -3.737  1.00 30.20 ? 6  DA  A "O5'" 1 
ATOM   104 C  "C5'" . DA  A 1 6  ? 7.337   5.330   -3.946  1.00 26.87 ? 6  DA  A "C5'" 1 
ATOM   105 C  "C4'" . DA  A 1 6  ? 6.661   4.003   -4.266  1.00 26.36 ? 6  DA  A "C4'" 1 
ATOM   106 O  "O4'" . DA  A 1 6  ? 5.922   3.606   -3.142  1.00 26.08 ? 6  DA  A "O4'" 1 
ATOM   107 C  "C3'" . DA  A 1 6  ? 5.706   4.007   -5.452  1.00 28.65 ? 6  DA  A "C3'" 1 
ATOM   108 O  "O3'" . DA  A 1 6  ? 6.055   2.940   -6.353  1.00 29.03 ? 6  DA  A "O3'" 1 
ATOM   109 C  "C2'" . DA  A 1 6  ? 4.322   3.816   -4.797  1.00 23.29 ? 6  DA  A "C2'" 1 
ATOM   110 C  "C1'" . DA  A 1 6  ? 4.650   3.069   -3.528  1.00 21.88 ? 6  DA  A "C1'" 1 
ATOM   111 N  N9    . DA  A 1 6  ? 3.673   3.241   -2.437  1.00 22.53 ? 6  DA  A N9    1 
ATOM   112 C  C8    . DA  A 1 6  ? 3.085   4.375   -1.937  1.00 20.16 ? 6  DA  A C8    1 
ATOM   113 N  N7    . DA  A 1 6  ? 2.242   4.145   -0.946  1.00 20.38 ? 6  DA  A N7    1 
ATOM   114 C  C5    . DA  A 1 6  ? 2.318   2.779   -0.748  1.00 17.30 ? 6  DA  A C5    1 
ATOM   115 C  C6    . DA  A 1 6  ? 1.654   1.931   0.158   1.00 19.06 ? 6  DA  A C6    1 
ATOM   116 N  N6    . DA  A 1 6  ? 0.792   2.253   1.115   1.00 19.47 ? 6  DA  A N6    1 
ATOM   117 N  N1    . DA  A 1 6  ? 1.943   0.607   0.000   1.00 18.04 ? 6  DA  A N1    1 
ATOM   118 C  C2    . DA  A 1 6  ? 2.838   0.147   -0.924  1.00 21.28 ? 6  DA  A C2    1 
ATOM   119 N  N3    . DA  A 1 6  ? 3.494   0.904   -1.796  1.00 20.29 ? 6  DA  A N3    1 
ATOM   120 C  C4    . DA  A 1 6  ? 3.174   2.207   -1.660  1.00 18.80 ? 6  DA  A C4    1 
ATOM   121 P  P     . DT  A 1 7  ? 5.608   2.595   -7.769  1.00 29.58 ? 7  DT  A P     1 
ATOM   122 O  OP1   . DT  A 1 7  ? 6.728   2.375   -8.749  1.00 30.79 ? 7  DT  A OP1   1 
ATOM   123 O  OP2   . DT  A 1 7  ? 4.677   3.687   -8.183  1.00 27.73 ? 7  DT  A OP2   1 
ATOM   124 O  "O5'" . DT  A 1 7  ? 4.739   1.192   -7.693  1.00 30.76 ? 7  DT  A "O5'" 1 
ATOM   125 C  "C5'" . DT  A 1 7  ? 5.161   0.207   -6.723  1.00 29.28 ? 7  DT  A "C5'" 1 
ATOM   126 C  "C4'" . DT  A 1 7  ? 3.941   -0.588  -6.323  1.00 28.50 ? 7  DT  A "C4'" 1 
ATOM   127 O  "O4'" . DT  A 1 7  ? 3.250   0.011   -5.245  1.00 28.91 ? 7  DT  A "O4'" 1 
ATOM   128 C  "C3'" . DT  A 1 7  ? 2.902   -0.804  -7.434  1.00 29.34 ? 7  DT  A "C3'" 1 
ATOM   129 O  "O3'" . DT  A 1 7  ? 2.933   -2.138  -7.875  1.00 29.90 ? 7  DT  A "O3'" 1 
ATOM   130 C  "C2'" . DT  A 1 7  ? 1.553   -0.421  -6.829  1.00 27.99 ? 7  DT  A "C2'" 1 
ATOM   131 C  "C1'" . DT  A 1 7  ? 1.841   -0.428  -5.369  1.00 28.73 ? 7  DT  A "C1'" 1 
ATOM   132 N  N1    . DT  A 1 7  ? 1.020   0.455   -4.528  1.00 26.72 ? 7  DT  A N1    1 
ATOM   133 C  C2    . DT  A 1 7  ? 0.346   -0.189  -3.481  1.00 25.34 ? 7  DT  A C2    1 
ATOM   134 O  O2    . DT  A 1 7  ? 0.417   -1.419  -3.358  1.00 27.85 ? 7  DT  A O2    1 
ATOM   135 N  N3    . DT  A 1 7  ? -0.394  0.582   -2.652  1.00 21.80 ? 7  DT  A N3    1 
ATOM   136 C  C4    . DT  A 1 7  ? -0.492  1.934   -2.761  1.00 21.42 ? 7  DT  A C4    1 
ATOM   137 O  O4    . DT  A 1 7  ? -1.207  2.568   -1.925  1.00 22.23 ? 7  DT  A O4    1 
ATOM   138 C  C5    . DT  A 1 7  ? 0.205   2.558   -3.826  1.00 20.57 ? 7  DT  A C5    1 
ATOM   139 C  C7    . DT  A 1 7  ? 0.160   4.066   -4.003  1.00 24.02 ? 7  DT  A C7    1 
ATOM   140 C  C6    . DT  A 1 7  ? 0.947   1.805   -4.652  1.00 22.60 ? 7  DT  A C6    1 
ATOM   141 P  P     . DT  A 1 8  ? 2.203   -2.842  -9.101  1.00 29.53 ? 8  DT  A P     1 
ATOM   142 O  OP1   . DT  A 1 8  ? 3.125   -3.945  -9.561  1.00 39.67 ? 8  DT  A OP1   1 
ATOM   143 O  OP2   . DT  A 1 8  ? 1.756   -1.823  -10.007 1.00 32.33 ? 8  DT  A OP2   1 
ATOM   144 O  "O5'" . DT  A 1 8  ? 0.942   -3.550  -8.340  1.00 32.26 ? 8  DT  A "O5'" 1 
ATOM   145 C  "C5'" . DT  A 1 8  ? 1.380   -4.591  -7.412  1.00 27.43 ? 8  DT  A "C5'" 1 
ATOM   146 C  "C4'" . DT  A 1 8  ? 0.106   -4.977  -6.679  1.00 28.02 ? 8  DT  A "C4'" 1 
ATOM   147 O  "O4'" . DT  A 1 8  ? -0.334  -3.848  -5.978  1.00 25.05 ? 8  DT  A "O4'" 1 
ATOM   148 C  "C3'" . DT  A 1 8  ? -1.050  -5.472  -7.537  1.00 27.45 ? 8  DT  A "C3'" 1 
ATOM   149 O  "O3'" . DT  A 1 8  ? -1.420  -6.826  -7.168  1.00 31.04 ? 8  DT  A "O3'" 1 
ATOM   150 C  "C2'" . DT  A 1 8  ? -2.170  -4.455  -7.283  1.00 26.13 ? 8  DT  A "C2'" 1 
ATOM   151 C  "C1'" . DT  A 1 8  ? -1.818  -3.957  -5.903  1.00 25.21 ? 8  DT  A "C1'" 1 
ATOM   152 N  N1    . DT  A 1 8  ? -2.270  -2.597  -5.592  1.00 23.26 ? 8  DT  A N1    1 
ATOM   153 C  C2    . DT  A 1 8  ? -3.056  -2.375  -4.482  1.00 21.55 ? 8  DT  A C2    1 
ATOM   154 O  O2    . DT  A 1 8  ? -3.399  -3.330  -3.769  1.00 26.09 ? 8  DT  A O2    1 
ATOM   155 N  N3    . DT  A 1 8  ? -3.418  -1.097  -4.210  1.00 20.05 ? 8  DT  A N3    1 
ATOM   156 C  C4    . DT  A 1 8  ? -3.035  -0.036  -4.961  1.00 21.77 ? 8  DT  A C4    1 
ATOM   157 O  O4    . DT  A 1 8  ? -3.427  1.127   -4.653  1.00 20.24 ? 8  DT  A O4    1 
ATOM   158 C  C5    . DT  A 1 8  ? -2.232  -0.283  -6.118  1.00 21.21 ? 8  DT  A C5    1 
ATOM   159 C  C7    . DT  A 1 8  ? -1.761  0.831   -7.014  1.00 18.92 ? 8  DT  A C7    1 
ATOM   160 C  C6    . DT  A 1 8  ? -1.866  -1.542  -6.365  1.00 22.63 ? 8  DT  A C6    1 
ATOM   161 P  P     . DT  A 1 9  ? -2.522  -7.630  -8.030  1.00 32.44 ? 9  DT  A P     1 
ATOM   162 O  OP1   . DT  A 1 9  ? -2.055  -8.978  -8.352  1.00 43.23 ? 9  DT  A OP1   1 
ATOM   163 O  OP2   . DT  A 1 9  ? -2.751  -6.750  -9.232  1.00 38.23 ? 9  DT  A OP2   1 
ATOM   164 O  "O5'" . DT  A 1 9  ? -3.792  -7.626  -7.095  1.00 33.13 ? 9  DT  A "O5'" 1 
ATOM   165 C  "C5'" . DT  A 1 9  ? -3.608  -8.009  -5.696  1.00 33.89 ? 9  DT  A "C5'" 1 
ATOM   166 C  "C4'" . DT  A 1 9  ? -4.909  -7.522  -5.068  1.00 34.40 ? 9  DT  A "C4'" 1 
ATOM   167 O  "O4'" . DT  A 1 9  ? -4.910  -6.122  -5.023  1.00 32.87 ? 9  DT  A "O4'" 1 
ATOM   168 C  "C3'" . DT  A 1 9  ? -6.154  -7.928  -5.864  1.00 34.36 ? 9  DT  A "C3'" 1 
ATOM   169 O  "O3'" . DT  A 1 9  ? -6.824  -8.948  -5.149  1.00 38.86 ? 9  DT  A "O3'" 1 
ATOM   170 C  "C2'" . DT  A 1 9  ? -6.955  -6.649  -6.023  1.00 34.81 ? 9  DT  A "C2'" 1 
ATOM   171 C  "C1'" . DT  A 1 9  ? -6.301  -5.687  -5.084  1.00 30.45 ? 9  DT  A "C1'" 1 
ATOM   172 N  N1    . DT  A 1 9  ? -6.260  -4.300  -5.593  1.00 27.42 ? 9  DT  A N1    1 
ATOM   173 C  C2    . DT  A 1 9  ? -6.783  -3.332  -4.741  1.00 23.37 ? 9  DT  A C2    1 
ATOM   174 O  O2    . DT  A 1 9  ? -7.270  -3.658  -3.671  1.00 25.36 ? 9  DT  A O2    1 
ATOM   175 N  N3    . DT  A 1 9  ? -6.743  -2.039  -5.158  1.00 22.18 ? 9  DT  A N3    1 
ATOM   176 C  C4    . DT  A 1 9  ? -6.182  -1.683  -6.336  1.00 20.13 ? 9  DT  A C4    1 
ATOM   177 O  O4    . DT  A 1 9  ? -6.178  -0.452  -6.639  1.00 25.95 ? 9  DT  A O4    1 
ATOM   178 C  C5    . DT  A 1 9  ? -5.640  -2.683  -7.188  1.00 23.74 ? 9  DT  A C5    1 
ATOM   179 C  C7    . DT  A 1 9  ? -5.020  -2.287  -8.514  1.00 22.22 ? 9  DT  A C7    1 
ATOM   180 C  C6    . DT  A 1 9  ? -5.680  -3.956  -6.778  1.00 24.11 ? 9  DT  A C6    1 
ATOM   181 P  P     . DG  A 1 10 ? -7.879  -10.003 -5.605  1.00 45.48 ? 10 DG  A P     1 
ATOM   182 O  OP1   . DG  A 1 10 ? -7.647  -11.301 -4.865  1.00 46.20 ? 10 DG  A OP1   1 
ATOM   183 O  OP2   . DG  A 1 10 ? -7.811  -10.086 -7.066  1.00 43.99 ? 10 DG  A OP2   1 
ATOM   184 O  "O5'" . DG  A 1 10 ? -9.280  -9.338  -5.085  1.00 39.98 ? 10 DG  A "O5'" 1 
ATOM   185 C  "C5'" . DG  A 1 10 ? -9.308  -9.021  -3.656  1.00 37.81 ? 10 DG  A "C5'" 1 
ATOM   186 C  "C4'" . DG  A 1 10 ? -10.507 -8.095  -3.519  1.00 39.04 ? 10 DG  A "C4'" 1 
ATOM   187 O  "O4'" . DG  A 1 10 ? -10.159 -6.802  -4.027  1.00 36.19 ? 10 DG  A "O4'" 1 
ATOM   188 C  "C3'" . DG  A 1 10 ? -11.729 -8.521  -4.313  1.00 36.89 ? 10 DG  A "C3'" 1 
ATOM   189 O  "O3'" . DG  A 1 10 ? -12.945 -7.948  -3.822  1.00 45.10 ? 10 DG  A "O3'" 1 
ATOM   190 C  "C2'" . DG  A 1 10 ? -11.415 -7.852  -5.672  1.00 36.75 ? 10 DG  A "C2'" 1 
ATOM   191 C  "C1'" . DG  A 1 10 ? -11.125 -6.481  -5.054  1.00 32.70 ? 10 DG  A "C1'" 1 
ATOM   192 N  N9    . DG  A 1 10 ? -10.549 -5.567  -6.038  1.00 29.88 ? 10 DG  A N9    1 
ATOM   193 C  C8    . DG  A 1 10 ? -9.984  -5.853  -7.249  1.00 28.33 ? 10 DG  A C8    1 
ATOM   194 N  N7    . DG  A 1 10 ? -9.541  -4.799  -7.873  1.00 31.48 ? 10 DG  A N7    1 
ATOM   195 C  C5    . DG  A 1 10 ? -9.840  -3.731  -7.022  1.00 26.89 ? 10 DG  A C5    1 
ATOM   196 C  C6    . DG  A 1 10 ? -9.613  -2.343  -7.134  1.00 25.13 ? 10 DG  A C6    1 
ATOM   197 O  O6    . DG  A 1 10 ? -9.069  -1.761  -8.074  1.00 28.74 ? 10 DG  A O6    1 
ATOM   198 N  N1    . DG  A 1 10 ? -10.041 -1.587  -6.067  1.00 24.26 ? 10 DG  A N1    1 
ATOM   199 C  C2    . DG  A 1 10 ? -10.652 -2.168  -4.997  1.00 25.47 ? 10 DG  A C2    1 
ATOM   200 N  N2    . DG  A 1 10 ? -11.045 -1.340  -4.024  1.00 24.12 ? 10 DG  A N2    1 
ATOM   201 N  N3    . DG  A 1 10 ? -10.877 -3.476  -4.824  1.00 26.28 ? 10 DG  A N3    1 
ATOM   202 C  C4    . DG  A 1 10 ? -10.447 -4.198  -5.880  1.00 28.33 ? 10 DG  A C4    1 
ATOM   203 P  P     . DC  A 1 11 ? -14.028 -8.760  -2.963  1.00 48.42 ? 11 DC  A P     1 
ATOM   204 O  OP1   . DC  A 1 11 ? -13.314 -9.818  -2.142  1.00 55.89 ? 11 DC  A OP1   1 
ATOM   205 O  OP2   . DC  A 1 11 ? -14.930 -9.290  -4.002  1.00 53.65 ? 11 DC  A OP2   1 
ATOM   206 O  "O5'" . DC  A 1 11 ? -14.684 -7.691  -1.981  1.00 43.89 ? 11 DC  A "O5'" 1 
ATOM   207 C  "C5'" . DC  A 1 11 ? -13.916 -7.233  -0.818  1.00 36.91 ? 11 DC  A "C5'" 1 
ATOM   208 C  "C4'" . DC  A 1 11 ? -14.286 -5.760  -0.672  1.00 35.70 ? 11 DC  A "C4'" 1 
ATOM   209 O  "O4'" . DC  A 1 11 ? -13.860 -5.048  -1.805  1.00 33.54 ? 11 DC  A "O4'" 1 
ATOM   210 C  "C3'" . DC  A 1 11 ? -15.785 -5.480  -0.524  1.00 35.00 ? 11 DC  A "C3'" 1 
ATOM   211 O  "O3'" . DC  A 1 11 ? -16.006 -4.541  0.543   1.00 35.73 ? 11 DC  A "O3'" 1 
ATOM   212 C  "C2'" . DC  A 1 11 ? -16.185 -4.973  -1.906  1.00 33.47 ? 11 DC  A "C2'" 1 
ATOM   213 C  "C1'" . DC  A 1 11 ? -14.956 -4.247  -2.358  1.00 31.78 ? 11 DC  A "C1'" 1 
ATOM   214 N  N1    . DC  A 1 11 ? -14.686 -4.194  -3.797  1.00 31.24 ? 11 DC  A N1    1 
ATOM   215 C  C2    . DC  A 1 11 ? -14.374 -2.952  -4.335  1.00 28.12 ? 11 DC  A C2    1 
ATOM   216 O  O2    . DC  A 1 11 ? -14.390 -1.945  -3.633  1.00 29.90 ? 11 DC  A O2    1 
ATOM   217 N  N3    . DC  A 1 11 ? -14.089 -2.883  -5.671  1.00 24.86 ? 11 DC  A N3    1 
ATOM   218 C  C4    . DC  A 1 11 ? -14.077 -3.985  -6.462  1.00 26.88 ? 11 DC  A C4    1 
ATOM   219 N  N4    . DC  A 1 11 ? -13.757 -3.812  -7.750  1.00 26.53 ? 11 DC  A N4    1 
ATOM   220 C  C5    . DC  A 1 11 ? -14.394 -5.255  -5.914  1.00 26.58 ? 11 DC  A C5    1 
ATOM   221 C  C6    . DC  A 1 11 ? -14.674 -5.306  -4.602  1.00 30.00 ? 11 DC  A C6    1 
ATOM   222 P  P     . DG  A 1 12 ? -17.403 -4.219  1.230   1.00 41.28 ? 12 DG  A P     1 
ATOM   223 O  OP1   . DG  A 1 12 ? -17.232 -3.771  2.624   1.00 48.85 ? 12 DG  A OP1   1 
ATOM   224 O  OP2   . DG  A 1 12 ? -18.253 -5.413  1.084   1.00 45.10 ? 12 DG  A OP2   1 
ATOM   225 O  "O5'" . DG  A 1 12 ? -17.983 -3.044  0.250   1.00 46.39 ? 12 DG  A "O5'" 1 
ATOM   226 C  "C5'" . DG  A 1 12 ? -17.605 -1.665  0.452   1.00 38.74 ? 12 DG  A "C5'" 1 
ATOM   227 C  "C4'" . DG  A 1 12 ? -18.395 -0.860  -0.555  1.00 39.09 ? 12 DG  A "C4'" 1 
ATOM   228 O  "O4'" . DG  A 1 12 ? -17.900 -1.111  -1.852  1.00 37.01 ? 12 DG  A "O4'" 1 
ATOM   229 C  "C3'" . DG  A 1 12 ? -19.886 -1.068  -0.602  1.00 37.82 ? 12 DG  A "C3'" 1 
ATOM   230 O  "O3'" . DG  A 1 12 ? -20.629 0.163   -0.365  1.00 39.44 ? 12 DG  A "O3'" 1 
ATOM   231 C  "C2'" . DG  A 1 12 ? -20.169 -1.571  -2.026  1.00 36.31 ? 12 DG  A "C2'" 1 
ATOM   232 C  "C1'" . DG  A 1 12 ? -19.008 -1.024  -2.809  1.00 32.69 ? 12 DG  A "C1'" 1 
ATOM   233 N  N9    . DG  A 1 12 ? -18.594 -1.882  -3.926  1.00 30.06 ? 12 DG  A N9    1 
ATOM   234 C  C8    . DG  A 1 12 ? -18.667 -3.269  -3.964  1.00 31.99 ? 12 DG  A C8    1 
ATOM   235 N  N7    . DG  A 1 12 ? -18.206 -3.792  -5.061  1.00 29.06 ? 12 DG  A N7    1 
ATOM   236 C  C5    . DG  A 1 12 ? -17.782 -2.692  -5.794  1.00 28.78 ? 12 DG  A C5    1 
ATOM   237 C  C6    . DG  A 1 12 ? -17.175 -2.596  -7.069  1.00 27.48 ? 12 DG  A C6    1 
ATOM   238 O  O6    . DG  A 1 12 ? -16.909 -3.525  -7.829  1.00 29.67 ? 12 DG  A O6    1 
ATOM   239 N  N1    . DG  A 1 12 ? -16.919 -1.310  -7.473  1.00 27.90 ? 12 DG  A N1    1 
ATOM   240 C  C2    . DG  A 1 12 ? -17.190 -0.227  -6.704  1.00 25.22 ? 12 DG  A C2    1 
ATOM   241 N  N2    . DG  A 1 12 ? -16.864 0.943   -7.242  1.00 26.21 ? 12 DG  A N2    1 
ATOM   242 N  N3    . DG  A 1 12 ? -17.747 -0.258  -5.498  1.00 28.94 ? 12 DG  A N3    1 
ATOM   243 C  C4    . DG  A 1 12 ? -18.021 -1.515  -5.101  1.00 27.51 ? 12 DG  A C4    1 
ATOM   244 O  "O5'" . DC  B 1 1  ? -14.486 1.258   -15.702 1.00 50.00 ? 13 DC  B "O5'" 1 
ATOM   245 C  "C5'" . DC  B 1 1  ? -15.455 2.343   -15.588 1.00 43.65 ? 13 DC  B "C5'" 1 
ATOM   246 C  "C4'" . DC  B 1 1  ? -15.208 3.031   -14.257 1.00 42.40 ? 13 DC  B "C4'" 1 
ATOM   247 O  "O4'" . DC  B 1 1  ? -15.810 2.298   -13.213 1.00 37.94 ? 13 DC  B "O4'" 1 
ATOM   248 C  "C3'" . DC  B 1 1  ? -13.765 3.187   -13.800 1.00 41.91 ? 13 DC  B "C3'" 1 
ATOM   249 O  "O3'" . DC  B 1 1  ? -13.634 4.237   -12.829 1.00 46.15 ? 13 DC  B "O3'" 1 
ATOM   250 C  "C2'" . DC  B 1 1  ? -13.535 1.803   -13.157 1.00 38.91 ? 13 DC  B "C2'" 1 
ATOM   251 C  "C1'" . DC  B 1 1  ? -14.808 1.769   -12.330 1.00 36.79 ? 13 DC  B "C1'" 1 
ATOM   252 N  N1    . DC  B 1 1  ? -15.198 0.408   -11.922 1.00 30.27 ? 13 DC  B N1    1 
ATOM   253 C  C2    . DC  B 1 1  ? -15.575 0.256   -10.614 1.00 30.24 ? 13 DC  B C2    1 
ATOM   254 O  O2    . DC  B 1 1  ? -15.565 1.219   -9.853  1.00 31.39 ? 13 DC  B O2    1 
ATOM   255 N  N3    . DC  B 1 1  ? -15.963 -0.998  -10.183 1.00 31.66 ? 13 DC  B N3    1 
ATOM   256 C  C4    . DC  B 1 1  ? -15.990 -2.049  -11.042 1.00 32.86 ? 13 DC  B C4    1 
ATOM   257 N  N4    . DC  B 1 1  ? -16.373 -3.254  -10.615 1.00 36.75 ? 13 DC  B N4    1 
ATOM   258 C  C5    . DC  B 1 1  ? -15.612 -1.876  -12.407 1.00 34.65 ? 13 DC  B C5    1 
ATOM   259 C  C6    . DC  B 1 1  ? -15.227 -0.641  -12.793 1.00 31.91 ? 13 DC  B C6    1 
ATOM   260 P  P     . DG  B 1 2  ? -12.658 5.530   -13.219 1.00 52.43 ? 14 DG  B P     1 
ATOM   261 O  OP1   . DG  B 1 2  ? -13.352 6.201   -14.344 1.00 51.02 ? 14 DG  B OP1   1 
ATOM   262 O  OP2   . DG  B 1 2  ? -11.373 4.887   -13.410 1.00 53.09 ? 14 DG  B OP2   1 
ATOM   263 O  "O5'" . DG  B 1 2  ? -12.765 6.419   -11.874 1.00 43.04 ? 14 DG  B "O5'" 1 
ATOM   264 C  "C5'" . DG  B 1 2  ? -14.122 6.504   -11.331 1.00 37.32 ? 14 DG  B "C5'" 1 
ATOM   265 C  "C4'" . DG  B 1 2  ? -13.965 6.203   -9.848  1.00 35.27 ? 14 DG  B "C4'" 1 
ATOM   266 O  "O4'" . DG  B 1 2  ? -14.124 4.844   -9.586  1.00 32.31 ? 14 DG  B "O4'" 1 
ATOM   267 C  "C3'" . DG  B 1 2  ? -12.637 6.640   -9.254  1.00 33.80 ? 14 DG  B "C3'" 1 
ATOM   268 O  "O3'" . DG  B 1 2  ? -12.828 7.533   -8.166  1.00 33.22 ? 14 DG  B "O3'" 1 
ATOM   269 C  "C2'" . DG  B 1 2  ? -11.971 5.328   -8.852  1.00 33.65 ? 14 DG  B "C2'" 1 
ATOM   270 C  "C1'" . DG  B 1 2  ? -13.193 4.470   -8.523  1.00 32.17 ? 14 DG  B "C1'" 1 
ATOM   271 N  N9    . DG  B 1 2  ? -12.840 3.061   -8.769  1.00 31.48 ? 14 DG  B N9    1 
ATOM   272 C  C8    . DG  B 1 2  ? -12.189 2.587   -9.889  1.00 28.45 ? 14 DG  B C8    1 
ATOM   273 N  N7    . DG  B 1 2  ? -12.006 1.308   -9.883  1.00 28.01 ? 14 DG  B N7    1 
ATOM   274 C  C5    . DG  B 1 2  ? -12.573 0.902   -8.677  1.00 28.82 ? 14 DG  B C5    1 
ATOM   275 C  C6    . DG  B 1 2  ? -12.686 -0.382  -8.086  1.00 29.56 ? 14 DG  B C6    1 
ATOM   276 O  O6    . DG  B 1 2  ? -12.284 -1.438  -8.570  1.00 29.20 ? 14 DG  B O6    1 
ATOM   277 N  N1    . DG  B 1 2  ? -13.320 -0.368  -6.862  1.00 28.07 ? 14 DG  B N1    1 
ATOM   278 C  C2    . DG  B 1 2  ? -13.787 0.758   -6.274  1.00 25.60 ? 14 DG  B C2    1 
ATOM   279 N  N2    . DG  B 1 2  ? -14.345 0.559   -5.076  1.00 26.93 ? 14 DG  B N2    1 
ATOM   280 N  N3    . DG  B 1 2  ? -13.711 1.991   -6.778  1.00 25.65 ? 14 DG  B N3    1 
ATOM   281 C  C4    . DG  B 1 2  ? -13.085 1.980   -7.977  1.00 28.94 ? 14 DG  B C4    1 
ATOM   282 P  P     . DC  B 1 3  ? -11.668 8.249   -7.330  1.00 34.69 ? 15 DC  B P     1 
ATOM   283 O  OP1   . DC  B 1 3  ? -12.114 9.640   -6.964  1.00 45.82 ? 15 DC  B OP1   1 
ATOM   284 O  OP2   . DC  B 1 3  ? -10.485 8.186   -8.186  1.00 39.70 ? 15 DC  B OP2   1 
ATOM   285 O  "O5'" . DC  B 1 3  ? -11.604 7.414   -5.972  1.00 34.12 ? 15 DC  B "O5'" 1 
ATOM   286 C  "C5'" . DC  B 1 3  ? -12.742 7.302   -5.105  1.00 26.61 ? 15 DC  B "C5'" 1 
ATOM   287 C  "C4'" . DC  B 1 3  ? -12.436 6.149   -4.174  1.00 29.83 ? 15 DC  B "C4'" 1 
ATOM   288 O  "O4'" . DC  B 1 3  ? -12.299 4.962   -4.911  1.00 28.09 ? 15 DC  B "O4'" 1 
ATOM   289 C  "C3'" . DC  B 1 3  ? -11.178 6.284   -3.334  1.00 28.65 ? 15 DC  B "C3'" 1 
ATOM   290 O  "O3'" . DC  B 1 3  ? -11.507 6.691   -1.998  1.00 32.14 ? 15 DC  B "O3'" 1 
ATOM   291 C  "C2'" . DC  B 1 3  ? -10.515 4.931   -3.358  1.00 27.35 ? 15 DC  B "C2'" 1 
ATOM   292 C  "C1'" . DC  B 1 3  ? -11.366 4.096   -4.233  1.00 24.70 ? 15 DC  B "C1'" 1 
ATOM   293 N  N1    . DC  B 1 3  ? -10.615 3.394   -5.309  1.00 25.25 ? 15 DC  B N1    1 
ATOM   294 C  C2    . DC  B 1 3  ? -10.643 2.027   -5.231  1.00 20.97 ? 15 DC  B C2    1 
ATOM   295 O  O2    . DC  B 1 3  ? -11.203 1.476   -4.282  1.00 22.05 ? 15 DC  B O2    1 
ATOM   296 N  N3    . DC  B 1 3  ? -9.991  1.318   -6.199  1.00 21.51 ? 15 DC  B N3    1 
ATOM   297 C  C4    . DC  B 1 3  ? -9.379  1.916   -7.239  1.00 22.06 ? 15 DC  B C4    1 
ATOM   298 N  N4    . DC  B 1 3  ? -8.796  1.144   -8.144  1.00 23.51 ? 15 DC  B N4    1 
ATOM   299 C  C5    . DC  B 1 3  ? -9.359  3.343   -7.326  1.00 27.54 ? 15 DC  B C5    1 
ATOM   300 C  C6    . DC  B 1 3  ? -9.987  4.044   -6.342  1.00 25.08 ? 15 DC  B C6    1 
ATOM   301 P  P     . DA  B 1 4  ? -10.364 7.248   -1.046  1.00 31.99 ? 16 DA  B P     1 
ATOM   302 O  OP1   . DA  B 1 4  ? -10.680 8.572   -0.472  1.00 44.68 ? 16 DA  B OP1   1 
ATOM   303 O  OP2   . DA  B 1 4  ? -9.139  7.215   -1.879  1.00 36.91 ? 16 DA  B OP2   1 
ATOM   304 O  "O5'" . DA  B 1 4  ? -10.351 6.148   0.098   1.00 27.87 ? 16 DA  B "O5'" 1 
ATOM   305 C  "C5'" . DA  B 1 4  ? -11.670 5.631   0.439   1.00 25.53 ? 16 DA  B "C5'" 1 
ATOM   306 C  "C4'" . DA  B 1 4  ? -11.390 4.309   1.107   1.00 29.54 ? 16 DA  B "C4'" 1 
ATOM   307 O  "O4'" . DA  B 1 4  ? -10.974 3.367   0.172   1.00 32.15 ? 16 DA  B "O4'" 1 
ATOM   308 C  "C3'" . DA  B 1 4  ? -10.329 4.349   2.206   1.00 32.16 ? 16 DA  B "C3'" 1 
ATOM   309 O  "O3'" . DA  B 1 4  ? -10.809 3.617   3.350   1.00 37.43 ? 16 DA  B "O3'" 1 
ATOM   310 C  "C2'" . DA  B 1 4  ? -9.105  3.737   1.545   1.00 33.15 ? 16 DA  B "C2'" 1 
ATOM   311 C  "C1'" . DA  B 1 4  ? -9.655  2.833   0.472   1.00 28.31 ? 16 DA  B "C1'" 1 
ATOM   312 N  N9    . DA  B 1 4  ? -8.883  2.871   -0.786  1.00 26.46 ? 16 DA  B N9    1 
ATOM   313 C  C8    . DA  B 1 4  ? -8.321  3.934   -1.420  1.00 26.36 ? 16 DA  B C8    1 
ATOM   314 N  N7    . DA  B 1 4  ? -7.711  3.641   -2.546  1.00 27.52 ? 16 DA  B N7    1 
ATOM   315 C  C5    . DA  B 1 4  ? -7.879  2.270   -2.667  1.00 25.65 ? 16 DA  B C5    1 
ATOM   316 C  C6    . DA  B 1 4  ? -7.478  1.353   -3.658  1.00 24.91 ? 16 DA  B C6    1 
ATOM   317 N  N6    . DA  B 1 4  ? -6.807  1.630   -4.754  1.00 23.51 ? 16 DA  B N6    1 
ATOM   318 N  N1    . DA  B 1 4  ? -7.847  0.037   -3.440  1.00 24.60 ? 16 DA  B N1    1 
ATOM   319 C  C2    . DA  B 1 4  ? -8.559  -0.310  -2.345  1.00 24.65 ? 16 DA  B C2    1 
ATOM   320 N  N3    . DA  B 1 4  ? -8.975  0.508   -1.379  1.00 27.17 ? 16 DA  B N3    1 
ATOM   321 C  C4    . DA  B 1 4  ? -8.606  1.778   -1.589  1.00 26.63 ? 16 DA  B C4    1 
ATOM   322 P  P     . DA  B 1 5  ? -9.906  2.923   4.417   1.00 42.35 ? 17 DA  B P     1 
ATOM   323 O  OP1   . DA  B 1 5  ? -10.701 2.422   5.610   1.00 47.85 ? 17 DA  B OP1   1 
ATOM   324 O  OP2   . DA  B 1 5  ? -8.847  3.897   4.704   1.00 52.37 ? 17 DA  B OP2   1 
ATOM   325 O  "O5'" . DA  B 1 5  ? -9.406  1.530   3.730   1.00 41.62 ? 17 DA  B "O5'" 1 
ATOM   326 C  "C5'" . DA  B 1 5  ? -10.507 0.555   3.679   1.00 37.72 ? 17 DA  B "C5'" 1 
ATOM   327 C  "C4'" . DA  B 1 5  ? -9.816  -0.754  3.389   1.00 36.08 ? 17 DA  B "C4'" 1 
ATOM   328 O  "O4'" . DA  B 1 5  ? -9.093  -0.631  2.196   1.00 35.60 ? 17 DA  B "O4'" 1 
ATOM   329 C  "C3'" . DA  B 1 5  ? -8.775  -1.159  4.454   1.00 34.13 ? 17 DA  B "C3'" 1 
ATOM   330 O  "O3'" . DA  B 1 5  ? -8.695  -2.584  4.506   1.00 35.19 ? 17 DA  B "O3'" 1 
ATOM   331 C  "C2'" . DA  B 1 5  ? -7.512  -0.478  3.911   1.00 33.78 ? 17 DA  B "C2'" 1 
ATOM   332 C  "C1'" . DA  B 1 5  ? -7.683  -0.794  2.434   1.00 31.34 ? 17 DA  B "C1'" 1 
ATOM   333 N  N9    . DA  B 1 5  ? -6.900  0.111   1.575   1.00 27.10 ? 17 DA  B N9    1 
ATOM   334 C  C8    . DA  B 1 5  ? -6.610  1.436   1.709   1.00 27.08 ? 17 DA  B C8    1 
ATOM   335 N  N7    . DA  B 1 5  ? -5.882  1.939   0.761   1.00 25.36 ? 17 DA  B N7    1 
ATOM   336 C  C5    . DA  B 1 5  ? -5.687  0.846   -0.093  1.00 25.90 ? 17 DA  B C5    1 
ATOM   337 C  C6    . DA  B 1 5  ? -4.987  0.729   -1.309  1.00 23.81 ? 17 DA  B C6    1 
ATOM   338 N  N6    . DA  B 1 5  ? -4.348  1.718   -1.926  1.00 23.50 ? 17 DA  B N6    1 
ATOM   339 N  N1    . DA  B 1 5  ? -5.009  -0.511  -1.871  1.00 23.52 ? 17 DA  B N1    1 
ATOM   340 C  C2    . DA  B 1 5  ? -5.642  -1.572  -1.279  1.00 24.89 ? 17 DA  B C2    1 
ATOM   341 N  N3    . DA  B 1 5  ? -6.322  -1.533  -0.144  1.00 25.88 ? 17 DA  B N3    1 
ATOM   342 C  C4    . DA  B 1 5  ? -6.304  -0.281  0.400   1.00 26.48 ? 17 DA  B C4    1 
ATOM   343 P  P     . DA  B 1 6  ? -7.844  -3.440  5.550   1.00 43.12 ? 18 DA  B P     1 
ATOM   344 O  OP1   . DA  B 1 6  ? -8.643  -4.519  6.182   1.00 50.19 ? 18 DA  B OP1   1 
ATOM   345 O  OP2   . DA  B 1 6  ? -7.260  -2.434  6.463   1.00 39.66 ? 18 DA  B OP2   1 
ATOM   346 O  "O5'" . DA  B 1 6  ? -6.737  -4.167  4.594   1.00 37.31 ? 18 DA  B "O5'" 1 
ATOM   347 C  "C5'" . DA  B 1 6  ? -7.311  -4.731  3.358   1.00 32.58 ? 18 DA  B "C5'" 1 
ATOM   348 C  "C4'" . DA  B 1 6  ? -6.129  -5.351  2.657   1.00 31.61 ? 18 DA  B "C4'" 1 
ATOM   349 O  "O4'" . DA  B 1 6  ? -5.471  -4.440  1.822   1.00 27.62 ? 18 DA  B "O4'" 1 
ATOM   350 C  "C3'" . DA  B 1 6  ? -5.037  -5.905  3.599   1.00 32.69 ? 18 DA  B "C3'" 1 
ATOM   351 O  "O3'" . DA  B 1 6  ? -4.424  -7.017  2.953   1.00 37.59 ? 18 DA  B "O3'" 1 
ATOM   352 C  "C2'" . DA  B 1 6  ? -4.090  -4.708  3.719   1.00 27.79 ? 18 DA  B "C2'" 1 
ATOM   353 C  "C1'" . DA  B 1 6  ? -4.140  -4.172  2.325   1.00 25.61 ? 18 DA  B "C1'" 1 
ATOM   354 N  N9    . DA  B 1 6  ? -3.815  -2.736  2.248   1.00 26.08 ? 18 DA  B N9    1 
ATOM   355 C  C8    . DA  B 1 6  ? -4.060  -1.689  3.092   1.00 19.48 ? 18 DA  B C8    1 
ATOM   356 N  N7    . DA  B 1 6  ? -3.603  -0.553  2.690   1.00 20.91 ? 18 DA  B N7    1 
ATOM   357 C  C5    . DA  B 1 6  ? -2.986  -0.848  1.474   1.00 22.56 ? 18 DA  B C5    1 
ATOM   358 C  C6    . DA  B 1 6  ? -2.306  -0.039  0.537   1.00 19.89 ? 18 DA  B C6    1 
ATOM   359 N  N6    . DA  B 1 6  ? -2.099  1.263   0.593   1.00 22.42 ? 18 DA  B N6    1 
ATOM   360 N  N1    . DA  B 1 6  ? -1.832  -0.728  -0.547  1.00 20.47 ? 18 DA  B N1    1 
ATOM   361 C  C2    . DA  B 1 6  ? -2.013  -2.051  -0.727  1.00 20.52 ? 18 DA  B C2    1 
ATOM   362 N  N3    . DA  B 1 6  ? -2.663  -2.860  0.109   1.00 21.20 ? 18 DA  B N3    1 
ATOM   363 C  C4    . DA  B 1 6  ? -3.105  -2.185  1.188   1.00 19.42 ? 18 DA  B C4    1 
ATOM   364 P  P     . DT  B 1 7  ? -3.321  -7.991  3.525   1.00 42.10 ? 19 DT  B P     1 
ATOM   365 O  OP1   . DT  B 1 7  ? -3.668  -9.313  2.902   1.00 36.47 ? 19 DT  B OP1   1 
ATOM   366 O  OP2   . DT  B 1 7  ? -3.371  -7.914  4.998   1.00 35.35 ? 19 DT  B OP2   1 
ATOM   367 O  "O5'" . DT  B 1 7  ? -1.929  -7.462  2.930   1.00 36.46 ? 19 DT  B "O5'" 1 
ATOM   368 C  "C5'" . DT  B 1 7  ? -1.821  -7.885  1.511   1.00 34.52 ? 19 DT  B "C5'" 1 
ATOM   369 C  "C4'" . DT  B 1 7  ? -0.666  -7.037  1.016   1.00 34.17 ? 19 DT  B "C4'" 1 
ATOM   370 O  "O4'" . DT  B 1 7  ? -0.915  -5.681  1.275   1.00 29.17 ? 19 DT  B "O4'" 1 
ATOM   371 C  "C3'" . DT  B 1 7  ? 0.659   -7.352  1.736   1.00 34.27 ? 19 DT  B "C3'" 1 
ATOM   372 O  "O3'" . DT  B 1 7  ? 1.419   -8.255  0.946   1.00 39.26 ? 19 DT  B "O3'" 1 
ATOM   373 C  "C2'" . DT  B 1 7  ? 1.298   -5.993  1.953   1.00 30.91 ? 19 DT  B "C2'" 1 
ATOM   374 C  "C1'" . DT  B 1 7  ? 0.398   -5.032  1.241   1.00 28.56 ? 19 DT  B "C1'" 1 
ATOM   375 N  N1    . DT  B 1 7  ? 0.318   -3.698  1.850   1.00 25.61 ? 19 DT  B N1    1 
ATOM   376 C  C2    . DT  B 1 7  ? 0.925   -2.692  1.101   1.00 26.88 ? 19 DT  B C2    1 
ATOM   377 O  O2    . DT  B 1 7  ? 1.486   -2.913  0.025   1.00 27.39 ? 19 DT  B O2    1 
ATOM   378 N  N3    . DT  B 1 7  ? 0.870   -1.432  1.604   1.00 24.34 ? 19 DT  B N3    1 
ATOM   379 C  C4    . DT  B 1 7  ? 0.262   -1.093  2.765   1.00 22.27 ? 19 DT  B C4    1 
ATOM   380 O  O4    . DT  B 1 7  ? 0.306   0.117   3.107   1.00 21.94 ? 19 DT  B O4    1 
ATOM   381 C  C5    . DT  B 1 7  ? -0.344  -2.142  3.516   1.00 24.71 ? 19 DT  B C5    1 
ATOM   382 C  C7    . DT  B 1 7  ? -1.014  -1.794  4.830   1.00 26.01 ? 19 DT  B C7    1 
ATOM   383 C  C6    . DT  B 1 7  ? -0.321  -3.391  3.021   1.00 22.28 ? 19 DT  B C6    1 
ATOM   384 P  P     . DT  B 1 8  ? 2.884   -8.761  1.085   1.00 41.37 ? 20 DT  B P     1 
ATOM   385 O  OP1   . DT  B 1 8  ? 3.009   -10.062 0.324   1.00 52.41 ? 20 DT  B OP1   1 
ATOM   386 O  OP2   . DT  B 1 8  ? 3.151   -8.921  2.529   1.00 44.11 ? 20 DT  B OP2   1 
ATOM   387 O  "O5'" . DT  B 1 8  ? 3.824   -7.648  0.445   1.00 40.71 ? 20 DT  B "O5'" 1 
ATOM   388 C  "C5'" . DT  B 1 8  ? 3.842   -7.431  -0.995  1.00 36.24 ? 20 DT  B "C5'" 1 
ATOM   389 C  "C4'" . DT  B 1 8  ? 4.766   -6.241  -1.213  1.00 34.45 ? 20 DT  B "C4'" 1 
ATOM   390 O  "O4'" . DT  B 1 8  ? 4.267   -5.072  -0.636  1.00 32.93 ? 20 DT  B "O4'" 1 
ATOM   391 C  "C3'" . DT  B 1 8  ? 6.167   -6.444  -0.634  1.00 32.87 ? 20 DT  B "C3'" 1 
ATOM   392 O  "O3'" . DT  B 1 8  ? 7.093   -6.393  -1.700  1.00 38.79 ? 20 DT  B "O3'" 1 
ATOM   393 C  "C2'" . DT  B 1 8  ? 6.335   -5.360  0.397   1.00 32.70 ? 20 DT  B "C2'" 1 
ATOM   394 C  "C1'" . DT  B 1 8  ? 5.355   -4.314  -0.052  1.00 29.83 ? 20 DT  B "C1'" 1 
ATOM   395 N  N1    . DT  B 1 8  ? 4.845   -3.526  1.086   1.00 27.85 ? 20 DT  B N1    1 
ATOM   396 C  C2    . DT  B 1 8  ? 4.942   -2.151  0.954   1.00 26.30 ? 20 DT  B C2    1 
ATOM   397 O  O2    . DT  B 1 8  ? 5.445   -1.657  -0.040  1.00 27.18 ? 20 DT  B O2    1 
ATOM   398 N  N3    . DT  B 1 8  ? 4.469   -1.385  1.983   1.00 26.45 ? 20 DT  B N3    1 
ATOM   399 C  C4    . DT  B 1 8  ? 3.900   -1.898  3.099   1.00 23.86 ? 20 DT  B C4    1 
ATOM   400 O  O4    . DT  B 1 8  ? 3.509   -1.089  3.985   1.00 26.01 ? 20 DT  B O4    1 
ATOM   401 C  C5    . DT  B 1 8  ? 3.817   -3.311  3.210   1.00 25.49 ? 20 DT  B C5    1 
ATOM   402 C  C7    . DT  B 1 8  ? 3.197   -3.958  4.422   1.00 26.98 ? 20 DT  B C7    1 
ATOM   403 C  C6    . DT  B 1 8  ? 4.283   -4.073  2.204   1.00 24.17 ? 20 DT  B C6    1 
ATOM   404 P  P     . DT  B 1 9  ? 8.665   -6.711  -1.672  1.00 36.76 ? 21 DT  B P     1 
ATOM   405 O  OP1   . DT  B 1 9  ? 8.871   -7.431  -2.996  1.00 46.69 ? 21 DT  B OP1   1 
ATOM   406 O  OP2   . DT  B 1 9  ? 8.952   -7.471  -0.489  1.00 36.79 ? 21 DT  B OP2   1 
ATOM   407 O  "O5'" . DT  B 1 9  ? 9.267   -5.257  -1.674  1.00 33.19 ? 21 DT  B "O5'" 1 
ATOM   408 C  "C5'" . DT  B 1 9  ? 8.953   -4.243  -2.651  1.00 31.09 ? 21 DT  B "C5'" 1 
ATOM   409 C  "C4'" . DT  B 1 9  ? 9.530   -2.981  -1.999  1.00 30.92 ? 21 DT  B "C4'" 1 
ATOM   410 O  "O4'" . DT  B 1 9  ? 8.760   -2.575  -0.898  1.00 26.57 ? 21 DT  B "O4'" 1 
ATOM   411 C  "C3'" . DT  B 1 9  ? 10.957  -3.185  -1.488  1.00 30.07 ? 21 DT  B "C3'" 1 
ATOM   412 O  "O3'" . DT  B 1 9  ? 11.855  -2.573  -2.425  1.00 33.94 ? 21 DT  B "O3'" 1 
ATOM   413 C  "C2'" . DT  B 1 9  ? 10.981  -2.517  -0.115  1.00 30.23 ? 21 DT  B "C2'" 1 
ATOM   414 C  "C1'" . DT  B 1 9  ? 9.661   -1.825  0.001   1.00 26.10 ? 21 DT  B "C1'" 1 
ATOM   415 N  N1    . DT  B 1 9  ? 8.964   -1.905  1.287   1.00 24.40 ? 21 DT  B N1    1 
ATOM   416 C  C2    . DT  B 1 9  ? 8.545   -0.713  1.857   1.00 23.44 ? 21 DT  B C2    1 
ATOM   417 O  O2    . DT  B 1 9  ? 8.804   0.359   1.329   1.00 25.80 ? 21 DT  B O2    1 
ATOM   418 N  N3    . DT  B 1 9  ? 7.839   -0.776  3.025   1.00 23.62 ? 21 DT  B N3    1 
ATOM   419 C  C4    . DT  B 1 9  ? 7.546   -1.968  3.630   1.00 22.23 ? 21 DT  B C4    1 
ATOM   420 O  O4    . DT  B 1 9  ? 6.903   -1.914  4.717   1.00 24.14 ? 21 DT  B O4    1 
ATOM   421 C  C5    . DT  B 1 9  ? 7.983   -3.175  3.033   1.00 22.35 ? 21 DT  B C5    1 
ATOM   422 C  C7    . DT  B 1 9  ? 7.635   -4.494  3.676   1.00 27.19 ? 21 DT  B C7    1 
ATOM   423 C  C6    . DT  B 1 9  ? 8.662   -3.106  1.881   1.00 23.57 ? 21 DT  B C6    1 
ATOM   424 P  P     . DG  B 1 10 ? 13.441  -2.648  -2.375  1.00 37.23 ? 22 DG  B P     1 
ATOM   425 O  OP1   . DG  B 1 10 ? 13.891  -2.563  -3.787  1.00 38.85 ? 22 DG  B OP1   1 
ATOM   426 O  OP2   . DG  B 1 10 ? 13.702  -3.949  -1.680  1.00 37.17 ? 22 DG  B OP2   1 
ATOM   427 O  "O5'" . DG  B 1 10 ? 13.949  -1.418  -1.491  1.00 36.46 ? 22 DG  B "O5'" 1 
ATOM   428 C  "C5'" . DG  B 1 10 ? 13.732  -0.043  -1.934  1.00 31.77 ? 22 DG  B "C5'" 1 
ATOM   429 C  "C4'" . DG  B 1 10 ? 13.925  0.813   -0.699  1.00 31.97 ? 22 DG  B "C4'" 1 
ATOM   430 O  "O4'" . DG  B 1 10 ? 12.957  0.618   0.300   1.00 31.15 ? 22 DG  B "O4'" 1 
ATOM   431 C  "C3'" . DG  B 1 10 ? 15.252  0.638   0.018   1.00 32.64 ? 22 DG  B "C3'" 1 
ATOM   432 O  "O3'" . DG  B 1 10 ? 15.635  1.933   0.536   1.00 37.62 ? 22 DG  B "O3'" 1 
ATOM   433 C  "C2'" . DG  B 1 10 ? 14.875  -0.343  1.143   1.00 30.35 ? 22 DG  B "C2'" 1 
ATOM   434 C  "C1'" . DG  B 1 10 ? 13.606  0.371   1.579   1.00 26.33 ? 22 DG  B "C1'" 1 
ATOM   435 N  N9    . DG  B 1 10 ? 12.783  -0.404  2.516   1.00 21.72 ? 22 DG  B N9    1 
ATOM   436 C  C8    . DG  B 1 10 ? 12.689  -1.767  2.674   1.00 21.11 ? 22 DG  B C8    1 
ATOM   437 N  N7    . DG  B 1 10 ? 11.860  -2.153  3.631   1.00 21.77 ? 22 DG  B N7    1 
ATOM   438 C  C5    . DG  B 1 10 ? 11.416  -0.932  4.171   1.00 18.04 ? 22 DG  B C5    1 
ATOM   439 C  C6    . DG  B 1 10 ? 10.509  -0.657  5.213   1.00 18.81 ? 22 DG  B C6    1 
ATOM   440 O  O6    . DG  B 1 10 ? 9.876   -1.472  5.906   1.00 20.19 ? 22 DG  B O6    1 
ATOM   441 N  N1    . DG  B 1 10 ? 10.297  0.701   5.441   1.00 19.13 ? 22 DG  B N1    1 
ATOM   442 C  C2    . DG  B 1 10 ? 10.932  1.648   4.723   1.00 19.70 ? 22 DG  B C2    1 
ATOM   443 N  N2    . DG  B 1 10 ? 10.636  2.905   5.042   1.00 21.03 ? 22 DG  B N2    1 
ATOM   444 N  N3    . DG  B 1 10 ? 11.776  1.452   3.703   1.00 19.51 ? 22 DG  B N3    1 
ATOM   445 C  C4    . DG  B 1 10 ? 11.966  0.127   3.485   1.00 18.86 ? 22 DG  B C4    1 
ATOM   446 P  P     . DC  B 1 11 ? 17.104  2.491   0.148   1.00 47.42 ? 23 DC  B P     1 
ATOM   447 O  OP1   . DC  B 1 11 ? 16.933  2.705   -1.303  1.00 49.16 ? 23 DC  B OP1   1 
ATOM   448 O  OP2   . DC  B 1 11 ? 18.061  1.492   0.693   1.00 40.17 ? 23 DC  B OP2   1 
ATOM   449 O  "O5'" . DC  B 1 11 ? 17.225  3.890   0.926   1.00 46.58 ? 23 DC  B "O5'" 1 
ATOM   450 C  "C5'" . DC  B 1 11 ? 16.134  4.852   0.767   1.00 40.00 ? 23 DC  B "C5'" 1 
ATOM   451 C  "C4'" . DC  B 1 11 ? 15.828  5.283   2.198   1.00 39.62 ? 23 DC  B "C4'" 1 
ATOM   452 O  "O4'" . DC  B 1 11 ? 15.033  4.256   2.777   1.00 38.19 ? 23 DC  B "O4'" 1 
ATOM   453 C  "C3'" . DC  B 1 11 ? 17.045  5.434   3.092   1.00 37.91 ? 23 DC  B "C3'" 1 
ATOM   454 O  "O3'" . DC  B 1 11 ? 17.328  6.793   3.439   1.00 40.63 ? 23 DC  B "O3'" 1 
ATOM   455 C  "C2'" . DC  B 1 11 ? 16.746  4.622   4.330   1.00 36.87 ? 23 DC  B "C2'" 1 
ATOM   456 C  "C1'" . DC  B 1 11 ? 15.301  4.255   4.181   1.00 33.65 ? 23 DC  B "C1'" 1 
ATOM   457 N  N1    . DC  B 1 11 ? 15.078  2.896   4.707   1.00 33.12 ? 23 DC  B N1    1 
ATOM   458 C  C2    . DC  B 1 11 ? 14.240  2.816   5.797   1.00 27.79 ? 23 DC  B C2    1 
ATOM   459 O  O2    . DC  B 1 11 ? 13.718  3.809   6.281   1.00 27.14 ? 23 DC  B O2    1 
ATOM   460 N  N3    . DC  B 1 11 ? 13.976  1.575   6.311   1.00 25.88 ? 23 DC  B N3    1 
ATOM   461 C  C4    . DC  B 1 11 ? 14.533  0.457   5.790   1.00 23.91 ? 23 DC  B C4    1 
ATOM   462 N  N4    . DC  B 1 11 ? 14.276  -0.733  6.340   1.00 20.58 ? 23 DC  B N4    1 
ATOM   463 C  C5    . DC  B 1 11 ? 15.411  0.552   4.674   1.00 26.89 ? 23 DC  B C5    1 
ATOM   464 C  C6    . DC  B 1 11 ? 15.647  1.772   4.173   1.00 31.66 ? 23 DC  B C6    1 
ATOM   465 P  P     . DG  B 1 12 ? 18.762  7.110   4.102   1.00 39.77 ? 24 DG  B P     1 
ATOM   466 O  OP1   . DG  B 1 12 ? 19.438  8.195   3.391   1.00 34.40 ? 24 DG  B OP1   1 
ATOM   467 O  OP2   . DG  B 1 12 ? 19.459  5.783   4.013   1.00 45.78 ? 24 DG  B OP2   1 
ATOM   468 O  "O5'" . DG  B 1 12 ? 18.412  7.493   5.641   1.00 34.50 ? 24 DG  B "O5'" 1 
ATOM   469 C  "C5'" . DG  B 1 12 ? 17.549  8.653   5.888   1.00 28.26 ? 24 DG  B "C5'" 1 
ATOM   470 C  "C4'" . DG  B 1 12 ? 17.021  8.439   7.298   1.00 29.50 ? 24 DG  B "C4'" 1 
ATOM   471 O  "O4'" . DG  B 1 12 ? 16.153  7.330   7.321   1.00 28.38 ? 24 DG  B "O4'" 1 
ATOM   472 C  "C3'" . DG  B 1 12 ? 18.113  8.121   8.320   1.00 24.97 ? 24 DG  B "C3'" 1 
ATOM   473 O  "O3'" . DG  B 1 12 ? 18.725  9.286   8.894   1.00 27.71 ? 24 DG  B "O3'" 1 
ATOM   474 C  "C2'" . DG  B 1 12 ? 17.389  7.284   9.354   1.00 27.24 ? 24 DG  B "C2'" 1 
ATOM   475 C  "C1'" . DG  B 1 12 ? 16.295  6.616   8.565   1.00 26.71 ? 24 DG  B "C1'" 1 
ATOM   476 N  N9    . DG  B 1 12 ? 16.589  5.202   8.312   1.00 27.93 ? 24 DG  B N9    1 
ATOM   477 C  C8    . DG  B 1 12 ? 17.410  4.650   7.345   1.00 28.60 ? 24 DG  B C8    1 
ATOM   478 N  N7    . DG  B 1 12 ? 17.462  3.345   7.367   1.00 26.14 ? 24 DG  B N7    1 
ATOM   479 C  C5    . DG  B 1 12 ? 16.610  3.004   8.419   1.00 28.28 ? 24 DG  B C5    1 
ATOM   480 C  C6    . DG  B 1 12 ? 16.213  1.745   8.950   1.00 27.40 ? 24 DG  B C6    1 
ATOM   481 O  O6    . DG  B 1 12 ? 16.577  0.626   8.592   1.00 30.06 ? 24 DG  B O6    1 
ATOM   482 N  N1    . DG  B 1 12 ? 15.378  1.822   10.021  1.00 26.06 ? 24 DG  B N1    1 
ATOM   483 C  C2    . DG  B 1 12 ? 14.920  2.995   10.522  1.00 25.36 ? 24 DG  B C2    1 
ATOM   484 N  N2    . DG  B 1 12 ? 14.080  2.901   11.560  1.00 24.40 ? 24 DG  B N2    1 
ATOM   485 N  N3    . DG  B 1 12 ? 15.232  4.199   10.056  1.00 28.93 ? 24 DG  B N3    1 
ATOM   486 C  C4    . DG  B 1 12 ? 16.087  4.128   9.009   1.00 27.56 ? 24 DG  B C4    1 
HETATM 487 MG MG    . MG  C 2 .  ? 10.576  -4.730  8.472   1.00 36.32 ? 26 MG  A MG    1 
HETATM 488 C  C1    . BRN D 3 .  ? 0.371   -6.212  -3.148  1.00 35.75 ? 25 BRN B C1    1 
HETATM 489 C  C2    . BRN D 3 .  ? -0.312  -7.433  -3.167  1.00 37.56 ? 25 BRN B C2    1 
HETATM 490 C  C3    . BRN D 3 .  ? -1.609  -7.488  -2.714  1.00 36.03 ? 25 BRN B C3    1 
HETATM 491 C  C4    . BRN D 3 .  ? -2.258  -6.366  -2.253  1.00 37.00 ? 25 BRN B C4    1 
HETATM 492 C  C5    . BRN D 3 .  ? -1.562  -5.161  -2.248  1.00 36.70 ? 25 BRN B C5    1 
HETATM 493 C  C6    . BRN D 3 .  ? -0.249  -5.075  -2.685  1.00 35.68 ? 25 BRN B C6    1 
HETATM 494 C  C7    . BRN D 3 .  ? -3.560  -6.439  -1.797  1.00 39.56 ? 25 BRN B C7    1 
HETATM 495 N  NA    . BRN D 3 .  ? -4.315  -5.293  -1.675  1.00 38.86 ? 25 BRN B NA    1 
HETATM 496 N  NB    . BRN D 3 .  ? -4.034  -7.648  -1.316  1.00 39.64 ? 25 BRN B NB    1 
HETATM 497 N  N1    . BRN D 3 .  ? 1.689   -6.207  -3.619  1.00 35.33 ? 25 BRN B N1    1 
HETATM 498 N  N     . BRN D 3 .  ? 2.480   -5.142  -3.418  1.00 35.50 ? 25 BRN B N     1 
HETATM 499 N  "N1'" . BRN D 3 .  ? 3.390   -5.034  -4.304  1.00 33.76 ? 25 BRN B "N1'" 1 
HETATM 500 C  "C1'" . BRN D 3 .  ? 4.220   -3.899  -4.028  1.00 34.11 ? 25 BRN B "C1'" 1 
HETATM 501 C  "C2'" . BRN D 3 .  ? 3.896   -2.853  -3.172  1.00 33.25 ? 25 BRN B "C2'" 1 
HETATM 502 C  "C3'" . BRN D 3 .  ? 4.802   -1.845  -2.975  1.00 31.58 ? 25 BRN B "C3'" 1 
HETATM 503 C  "C4'" . BRN D 3 .  ? 6.019   -1.838  -3.641  1.00 31.92 ? 25 BRN B "C4'" 1 
HETATM 504 C  "C5'" . BRN D 3 .  ? 6.338   -2.876  -4.485  1.00 32.90 ? 25 BRN B "C5'" 1 
HETATM 505 C  "C6'" . BRN D 3 .  ? 5.439   -3.919  -4.681  1.00 34.69 ? 25 BRN B "C6'" 1 
HETATM 506 C  "C7'" . BRN D 3 .  ? 6.923   -0.817  -3.467  1.00 33.06 ? 25 BRN B "C7'" 1 
HETATM 507 N  "NA'" . BRN D 3 .  ? 6.715   0.120   -2.469  1.00 32.17 ? 25 BRN B "NA'" 1 
HETATM 508 N  "NB'" . BRN D 3 .  ? 7.868   -0.561  -4.453  1.00 29.32 ? 25 BRN B "NB'" 1 
HETATM 509 O  O     . HOH E 4 .  ? -16.259 -2.213  4.335   1.00 65.69 ? 28 HOH A O     1 
HETATM 510 O  O     . HOH E 4 .  ? -9.638  -2.192  -10.886 1.00 53.06 ? 29 HOH A O     1 
HETATM 511 O  O     . HOH E 4 .  ? 0.504   6.108   -0.271  1.00 45.40 ? 31 HOH A O     1 
HETATM 512 O  O     . HOH E 4 .  ? 2.417   4.338   10.011  1.00 49.66 ? 35 HOH A O     1 
HETATM 513 O  O     . HOH E 4 .  ? 1.826   3.916   -7.442  1.00 37.12 ? 36 HOH A O     1 
HETATM 514 O  O     . HOH E 4 .  ? -19.400 -8.036  2.383   1.00 49.10 ? 37 HOH A O     1 
HETATM 515 O  O     . HOH E 4 .  ? 7.223   7.374   -7.393  1.00 32.11 ? 41 HOH A O     1 
HETATM 516 O  O     . HOH E 4 .  ? 7.451   -2.531  13.797  1.00 45.25 ? 42 HOH A O     1 
HETATM 517 O  O     . HOH E 4 .  ? -17.992 -7.195  -9.044  1.00 60.74 ? 45 HOH A O     1 
HETATM 518 O  O     . HOH E 4 .  ? -17.430 -4.804  5.466   1.00 58.68 ? 47 HOH A O     1 
HETATM 519 O  O     . HOH E 4 .  ? -5.312  1.239   -8.482  1.00 55.32 ? 49 HOH A O     1 
HETATM 520 O  O     . HOH E 4 .  ? -0.030  6.161   2.273   1.00 40.20 ? 53 HOH A O     1 
HETATM 521 O  O     . HOH E 4 .  ? 11.008  -5.894  9.918   1.00 34.12 ? 54 HOH A O     1 
HETATM 522 O  O     . HOH E 4 .  ? 11.961  -3.426  7.905   1.00 31.58 ? 55 HOH A O     1 
HETATM 523 O  O     . HOH E 4 .  ? 9.758   -2.708  20.255  1.00 80.81 ? 57 HOH A O     1 
HETATM 524 O  O     . HOH E 4 .  ? -18.698 -6.418  -6.744  1.00 55.78 ? 58 HOH A O     1 
HETATM 525 O  O     . HOH E 4 .  ? -12.290 -9.309  0.108   1.00 38.84 ? 59 HOH A O     1 
HETATM 526 O  O     . HOH E 4 .  ? -3.783  3.812   -5.068  1.00 48.33 ? 63 HOH A O     1 
HETATM 527 O  O     . HOH E 4 .  ? 3.288   -0.434  -11.429 1.00 50.67 ? 64 HOH A O     1 
HETATM 528 O  O     . HOH E 4 .  ? 6.424   -1.302  -10.685 1.00 66.19 ? 65 HOH A O     1 
HETATM 529 O  O     . HOH E 4 .  ? 6.505   6.964   -9.975  1.00 29.42 ? 66 HOH A O     1 
HETATM 530 O  O     . HOH E 4 .  ? 11.158  9.565   -5.543  1.00 68.98 ? 68 HOH A O     1 
HETATM 531 O  O     . HOH E 4 .  ? 8.992   5.205   2.401   1.00 45.77 ? 71 HOH A O     1 
HETATM 532 O  O     . HOH E 4 .  ? -1.594  4.947   -1.634  1.00 64.58 ? 72 HOH A O     1 
HETATM 533 O  O     . HOH E 4 .  ? 9.769   8.035   3.194   1.00 46.93 ? 75 HOH A O     1 
HETATM 534 O  O     . HOH E 4 .  ? 1.743   6.562   -6.604  1.00 45.29 ? 77 HOH A O     1 
HETATM 535 O  O     . HOH E 4 .  ? 2.527   7.189   -4.110  1.00 37.52 ? 79 HOH A O     1 
HETATM 536 O  O     . HOH E 4 .  ? 7.713   4.524   -9.684  1.00 41.62 ? 80 HOH A O     1 
HETATM 537 O  O     . HOH E 4 .  ? 6.436   4.494   17.651  1.00 54.22 ? 84 HOH A O     1 
HETATM 538 O  O     . HOH E 4 .  ? -19.724 -4.932  -1.913  1.00 65.48 ? 86 HOH A O     1 
HETATM 539 O  O     . HOH E 4 .  ? -8.530  -8.640  -8.851  1.00 56.44 ? 87 HOH A O     1 
HETATM 540 O  O     . HOH E 4 .  ? -8.306  -3.992  -0.767  1.00 59.77 ? 88 HOH A O     1 
HETATM 541 O  O     . HOH E 4 .  ? -2.026  4.446   -6.922  1.00 53.09 ? 89 HOH A O     1 
HETATM 542 O  O     . HOH E 4 .  ? 8.440   11.737  4.985   1.00 68.28 ? 91 HOH A O     1 
HETATM 543 O  O     . HOH F 4 .  ? -4.736  -2.005  6.795   1.00 57.38 ? 27 HOH B O     1 
HETATM 544 O  O     . HOH F 4 .  ? -8.112  -7.721  6.084   1.00 61.49 ? 30 HOH B O     1 
HETATM 545 O  O     . HOH F 4 .  ? 5.856   -8.794  -4.045  1.00 52.20 ? 32 HOH B O     1 
HETATM 546 O  O     . HOH F 4 .  ? 19.776  3.018   4.632   1.00 44.09 ? 33 HOH B O     1 
HETATM 547 O  O     . HOH F 4 .  ? -6.173  4.125   -7.061  1.00 43.74 ? 34 HOH B O     1 
HETATM 548 O  O     . HOH F 4 .  ? -8.175  6.883   -5.996  1.00 45.04 ? 38 HOH B O     1 
HETATM 549 O  O     . HOH F 4 .  ? -6.550  7.092   -2.849  1.00 59.13 ? 39 HOH B O     1 
HETATM 550 O  O     . HOH F 4 .  ? -5.763  -7.861  7.148   1.00 51.69 ? 40 HOH B O     1 
HETATM 551 O  O     . HOH F 4 .  ? 18.298  -0.921  -2.238  1.00 52.61 ? 43 HOH B O     1 
HETATM 552 O  O     . HOH F 4 .  ? 9.947   2.627   -0.334  1.00 63.29 ? 44 HOH B O     1 
HETATM 553 O  O     . HOH F 4 .  ? -15.319 7.727   -14.127 1.00 75.42 ? 46 HOH B O     1 
HETATM 554 O  O     . HOH F 4 .  ? -7.450  2.692   -10.069 1.00 49.24 ? 48 HOH B O     1 
HETATM 555 O  O     . HOH F 4 .  ? -9.744  2.800   8.009   1.00 53.49 ? 50 HOH B O     1 
HETATM 556 O  O     . HOH F 4 .  ? -6.816  -3.500  9.371   1.00 51.77 ? 51 HOH B O     1 
HETATM 557 O  O     . HOH F 4 .  ? -0.970  -5.487  5.510   1.00 44.50 ? 52 HOH B O     1 
HETATM 558 O  O     . HOH F 4 .  ? 15.459  -3.078  4.759   1.00 45.57 ? 56 HOH B O     1 
HETATM 559 O  O     . HOH F 4 .  ? -8.668  6.842   -10.277 1.00 76.17 ? 60 HOH B O     1 
HETATM 560 O  O     . HOH F 4 .  ? -13.280 3.475   4.730   1.00 44.34 ? 61 HOH B O     1 
HETATM 561 O  O     . HOH F 4 .  ? -5.427  4.593   0.332   1.00 48.54 ? 62 HOH B O     1 
HETATM 562 O  O     . HOH F 4 .  ? 9.716   0.972   -2.928  1.00 54.83 ? 67 HOH B O     1 
HETATM 563 O  O     . HOH F 4 .  ? 11.532  -4.675  4.264   1.00 42.42 ? 69 HOH B O     1 
HETATM 564 O  O     . HOH F 4 .  ? 14.391  -3.730  -6.141  1.00 57.45 ? 70 HOH B O     1 
HETATM 565 O  O     . HOH F 4 .  ? -7.007  -6.722  -0.640  1.00 36.71 ? 73 HOH B O     1 
HETATM 566 O  O     . HOH F 4 .  ? 11.976  3.238   2.136   1.00 36.78 ? 74 HOH B O     1 
HETATM 567 O  O     . HOH F 4 .  ? -9.189  9.654   -3.958  1.00 44.10 ? 76 HOH B O     1 
HETATM 568 O  O     . HOH F 4 .  ? 1.788   -7.666  5.055   1.00 47.97 ? 78 HOH B O     1 
HETATM 569 O  O     . HOH F 4 .  ? 6.391   -3.489  6.781   1.00 55.26 ? 81 HOH B O     1 
HETATM 570 O  O     . HOH F 4 .  ? 12.560  -5.088  -5.240  1.00 56.60 ? 82 HOH B O     1 
HETATM 571 O  O     . HOH F 4 .  ? 8.937   -3.535  7.326   1.00 36.35 ? 83 HOH B O     1 
HETATM 572 O  O     . HOH F 4 .  ? 18.720  0.137   2.694   1.00 47.62 ? 85 HOH B O     1 
HETATM 573 O  O     . HOH F 4 .  ? 12.747  -6.307  -2.745  1.00 54.08 ? 90 HOH B O     1 
# 
